data_6V94
#
_entry.id   6V94
#
_cell.length_a   183.832
_cell.length_b   183.832
_cell.length_c   178.605
_cell.angle_alpha   90.000
_cell.angle_beta   90.000
_cell.angle_gamma   90.000
#
_symmetry.space_group_name_H-M   'I 4 2 2'
#
loop_
_entity.id
_entity.type
_entity.pdbx_description
1 polymer 'GTPase HRas'
2 polymer 'Son of sevenless homolog 1'
3 polymer 'GTPase HRas'
4 non-polymer 'PHOSPHOAMINOPHOSPHONIC ACID-GUANYLATE ESTER'
5 non-polymer 'MAGNESIUM ION'
6 non-polymer 1-[(4-fluorophenyl)methyl]-2-methyl-4-nitro-1H-imidazole
7 non-polymer 'FORMIC ACID'
8 non-polymer GLYCEROL
9 non-polymer 'SODIUM ION'
10 water water
#
loop_
_entity_poly.entity_id
_entity_poly.type
_entity_poly.pdbx_seq_one_letter_code
_entity_poly.pdbx_strand_id
1 'polypeptide(L)'
;GMTEYKLVVVGAGGVGKSALTIQLIQNHFVDEYDPTIEDSYRKQVVIDGET(CSO)LLDILDTAGQEEASAMRDQYMRTG
EGFLCVFAINNTKSFEDIHQYREQIKRVKDSDDVPMVLVGNKCDLAARTVESRQAQDLARSYGIPYIETSAKTRQGVEDA
FYTLVREIRQH
;
A
2 'polypeptide(L)'
;GQMRLPSADVYRFAEPDSEENIIFEENMQPKAGIPIIKAGTVIKLIERLTYHMYADPNFVRTFLTTYRSFCKPQELLSLI
IERFEIPEPEPTEADRIAIENGDQPLSAELKRFRKEYIQPVQLRVLNVCRHWVEHHFYDFERDAYLLQRMEEFIGTVRGK
AMKKWVESITKIIQRKKIARDNGPGHNITFQSSPPTVEWHISRPGHIETFDLLTLHPIEIARQLTLLESDLYRAVQPSEL
VGSVWTKEDKEINSPNLLKMIRHTTNLTLWFEKCIVETENLEERVAVVSRIIEILQVFQELNNFNGVLEVVSAMNSSPVY
RLDHTFEQIPSRQKKILEEAHELSEDHYKKYLAKLRSINPPCVPFFGIYLTNILKTEEGNPEVLKRHGKELINFSKRRKV
AEITGEIQQYQNQPYCLRVESDIKRFFENLNPMGNSMEKEFTDYLFNKSLEIEPRNPKPLPRFPKKYSYPLKSPGVRPSN
PR
;
B
3 'polypeptide(L)'
;GMTEYKLVVVGAGGVGKSALTIQLIQNHFVDEYDPTIEDSYRKQVVIDGETCLLDILDTAGQEEYSAMRDQYMRTGEGFL
CVFAINNTKSFEDIHQYREQIKRVKDSDDVPMVLVGNKCDLAARTVESRQAQDLARSYGIPYIETSAKTRQGVEDAFYTL
VREIRQH
;
C
#
loop_
_chem_comp.id
_chem_comp.type
_chem_comp.name
_chem_comp.formula
FMT non-polymer 'FORMIC ACID' 'C H2 O2'
GNP non-polymer 'PHOSPHOAMINOPHOSPHONIC ACID-GUANYLATE ESTER' 'C10 H17 N6 O13 P3'
GOL non-polymer GLYCEROL 'C3 H8 O3'
MG non-polymer 'MAGNESIUM ION' 'Mg 2'
NA non-polymer 'SODIUM ION' 'Na 1'
QTV non-polymer 1-[(4-fluorophenyl)methyl]-2-methyl-4-nitro-1H-imidazole 'C11 H10 F N3 O2'
#
# COMPACT_ATOMS: atom_id res chain seq x y z
N MET A 2 -4.91 16.41 -5.76
CA MET A 2 -4.28 16.34 -4.44
C MET A 2 -2.95 17.08 -4.41
N THR A 3 -2.92 18.21 -3.71
CA THR A 3 -1.68 18.94 -3.51
C THR A 3 -0.85 18.25 -2.44
N GLU A 4 0.45 18.20 -2.66
CA GLU A 4 1.38 17.63 -1.70
C GLU A 4 2.04 18.76 -0.92
N TYR A 5 2.18 18.58 0.41
CA TYR A 5 2.79 19.57 1.30
C TYR A 5 3.94 18.93 2.07
N LYS A 6 5.10 19.58 2.07
CA LYS A 6 6.27 19.05 2.77
C LYS A 6 6.44 19.77 4.10
N LEU A 7 6.07 19.10 5.19
CA LEU A 7 6.16 19.65 6.53
C LEU A 7 7.38 19.07 7.24
N VAL A 8 8.03 19.89 8.05
CA VAL A 8 9.21 19.46 8.81
C VAL A 8 9.00 19.85 10.26
N VAL A 9 9.25 18.90 11.17
CA VAL A 9 9.07 19.14 12.60
C VAL A 9 10.44 19.26 13.24
N VAL A 10 10.73 20.42 13.84
CA VAL A 10 12.06 20.69 14.40
C VAL A 10 11.92 21.17 15.84
N GLY A 11 13.02 21.09 16.58
CA GLY A 11 13.03 21.46 17.98
C GLY A 11 14.02 20.62 18.75
N ALA A 12 14.28 21.05 19.99
CA ALA A 12 15.27 20.40 20.84
C ALA A 12 14.91 18.93 21.11
N GLY A 13 15.93 18.18 21.50
CA GLY A 13 15.71 16.78 21.81
C GLY A 13 14.74 16.61 22.98
N GLY A 14 13.82 15.66 22.82
CA GLY A 14 12.92 15.29 23.89
C GLY A 14 11.67 16.14 24.05
N VAL A 15 11.43 17.09 23.16
CA VAL A 15 10.26 17.96 23.35
C VAL A 15 8.96 17.32 22.89
N GLY A 16 9.03 16.21 22.16
CA GLY A 16 7.84 15.51 21.69
C GLY A 16 7.56 15.61 20.20
N LYS A 17 8.57 15.89 19.36
CA LYS A 17 8.33 15.97 17.93
C LYS A 17 7.80 14.64 17.38
N SER A 18 8.44 13.54 17.76
CA SER A 18 8.02 12.24 17.27
C SER A 18 6.65 11.87 17.83
N ALA A 19 6.44 12.08 19.13
CA ALA A 19 5.15 11.77 19.72
C ALA A 19 4.03 12.56 19.07
N LEU A 20 4.26 13.85 18.78
CA LEU A 20 3.25 14.63 18.07
C LEU A 20 2.96 14.05 16.70
N THR A 21 4.01 13.68 15.96
CA THR A 21 3.81 13.16 14.61
C THR A 21 3.08 11.83 14.62
N ILE A 22 3.47 10.93 15.53
CA ILE A 22 2.84 9.62 15.58
C ILE A 22 1.39 9.71 16.06
N GLN A 23 1.11 10.64 16.98
CA GLN A 23 -0.29 10.91 17.35
C GLN A 23 -1.10 11.35 16.14
N LEU A 24 -0.56 12.26 15.33
CA LEU A 24 -1.27 12.69 14.13
C LEU A 24 -1.47 11.53 13.16
N ILE A 25 -0.44 10.72 12.97
CA ILE A 25 -0.46 9.71 11.92
C ILE A 25 -1.28 8.50 12.35
N GLN A 26 -1.09 8.03 13.59
CA GLN A 26 -1.63 6.76 14.04
C GLN A 26 -2.63 6.86 15.18
N ASN A 27 -2.89 8.06 15.70
CA ASN A 27 -3.75 8.23 16.89
C ASN A 27 -3.23 7.45 18.09
N HIS A 28 -1.92 7.36 18.22
CA HIS A 28 -1.26 6.58 19.27
C HIS A 28 -0.22 7.44 19.96
N PHE A 29 -0.16 7.38 21.29
CA PHE A 29 0.83 8.12 22.06
C PHE A 29 2.01 7.22 22.40
N VAL A 30 3.21 7.63 22.00
CA VAL A 30 4.43 6.88 22.26
C VAL A 30 5.00 7.30 23.61
N ASP A 31 5.08 6.33 24.54
CA ASP A 31 5.65 6.58 25.86
C ASP A 31 7.17 6.57 25.86
N GLU A 32 7.77 5.77 24.98
CA GLU A 32 9.22 5.65 24.88
C GLU A 32 9.85 6.93 24.37
N TYR A 33 11.09 7.15 24.79
CA TYR A 33 11.92 8.26 24.31
C TYR A 33 13.06 7.61 23.52
N ASP A 34 12.81 7.38 22.22
CA ASP A 34 13.79 6.83 21.29
C ASP A 34 14.28 7.96 20.38
N PRO A 35 15.47 8.51 20.60
CA PRO A 35 15.90 9.69 19.83
C PRO A 35 15.92 9.42 18.33
N THR A 36 15.34 10.35 17.59
CA THR A 36 15.20 10.23 16.16
C THR A 36 16.49 10.58 15.44
N ILE A 37 16.73 9.93 14.30
CA ILE A 37 17.79 10.39 13.40
C ILE A 37 17.10 11.14 12.27
N GLU A 38 16.28 10.44 11.49
CA GLU A 38 15.34 11.11 10.59
C GLU A 38 14.28 10.12 10.13
N ASP A 39 13.02 10.48 10.29
CA ASP A 39 11.88 9.64 9.94
C ASP A 39 10.95 10.43 9.04
N SER A 40 10.22 9.74 8.19
CA SER A 40 9.26 10.41 7.32
CA SER A 40 9.29 10.36 7.26
C SER A 40 7.95 9.66 7.33
N TYR A 41 6.87 10.43 7.22
CA TYR A 41 5.51 9.90 7.26
C TYR A 41 4.68 10.56 6.17
N ARG A 42 3.60 9.89 5.76
CA ARG A 42 2.67 10.47 4.81
C ARG A 42 1.25 10.34 5.34
N LYS A 43 0.43 11.35 5.04
CA LYS A 43 -0.95 11.36 5.50
C LYS A 43 -1.82 12.05 4.47
N GLN A 44 -2.83 11.33 3.95
CA GLN A 44 -3.87 11.93 3.13
C GLN A 44 -4.96 12.45 4.08
N VAL A 45 -5.35 13.71 3.90
CA VAL A 45 -6.33 14.32 4.79
C VAL A 45 -7.03 15.45 4.04
N VAL A 46 -8.32 15.64 4.34
CA VAL A 46 -9.07 16.75 3.78
C VAL A 46 -8.99 17.92 4.74
N ILE A 47 -8.49 19.07 4.27
CA ILE A 47 -8.34 20.27 5.08
C ILE A 47 -9.07 21.41 4.36
N ASP A 48 -10.02 22.05 5.04
CA ASP A 48 -10.85 23.10 4.43
C ASP A 48 -11.43 22.64 3.10
N GLY A 49 -11.93 21.40 3.07
CA GLY A 49 -12.61 20.86 1.91
C GLY A 49 -11.71 20.42 0.78
N GLU A 50 -10.39 20.51 0.94
CA GLU A 50 -9.46 20.16 -0.13
C GLU A 50 -8.62 18.97 0.31
N THR A 51 -8.54 17.96 -0.53
CA THR A 51 -7.74 16.79 -0.18
C THR A 51 -6.28 17.08 -0.41
N CSO A 52 -5.45 16.77 0.57
CA CSO A 52 -4.03 16.80 0.26
CB CSO A 52 -3.41 18.11 0.66
SG CSO A 52 -3.72 18.32 2.39
C CSO A 52 -3.23 15.71 0.90
O CSO A 52 -3.74 14.92 1.69
OD CSO A 52 -4.85 19.67 2.33
N LEU A 53 -1.97 15.71 0.54
CA LEU A 53 -1.06 14.67 0.96
C LEU A 53 0.05 15.36 1.71
N LEU A 54 0.13 15.08 3.01
CA LEU A 54 1.18 15.66 3.84
C LEU A 54 2.38 14.71 3.85
N ASP A 55 3.56 15.24 3.54
CA ASP A 55 4.82 14.53 3.78
C ASP A 55 5.43 15.17 5.02
N ILE A 56 5.60 14.40 6.09
CA ILE A 56 6.04 14.95 7.36
C ILE A 56 7.41 14.38 7.66
N LEU A 57 8.39 15.27 7.79
CA LEU A 57 9.75 14.89 8.14
C LEU A 57 9.94 15.13 9.63
N ASP A 58 10.29 14.08 10.36
CA ASP A 58 10.51 14.13 11.80
C ASP A 58 12.02 14.12 12.04
N THR A 59 12.55 15.20 12.63
CA THR A 59 14.00 15.41 12.62
C THR A 59 14.61 15.13 13.99
N ALA A 60 15.94 15.16 14.02
CA ALA A 60 16.72 14.85 15.21
C ALA A 60 16.90 16.11 16.06
N GLY A 61 16.53 16.02 17.33
CA GLY A 61 16.75 17.13 18.23
C GLY A 61 18.07 17.04 18.98
N GLN A 62 18.66 15.84 19.10
CA GLN A 62 19.90 15.73 19.86
C GLN A 62 21.01 16.57 19.23
N GLU A 63 21.82 17.20 20.07
CA GLU A 63 22.82 18.13 19.56
C GLU A 63 23.87 17.45 18.71
N GLU A 64 24.10 16.16 18.93
CA GLU A 64 25.08 15.43 18.12
C GLU A 64 24.72 15.42 16.63
N ALA A 65 23.46 15.69 16.29
CA ALA A 65 23.05 15.73 14.88
C ALA A 65 22.94 17.16 14.34
N SER A 66 23.47 18.15 15.05
CA SER A 66 23.16 19.54 14.72
C SER A 66 23.83 20.02 13.44
N ALA A 67 24.83 19.31 12.93
CA ALA A 67 25.48 19.69 11.69
C ALA A 67 24.81 19.12 10.44
N MET A 68 23.68 18.44 10.59
CA MET A 68 23.05 17.75 9.47
C MET A 68 21.69 18.33 9.10
N ARG A 69 21.43 19.60 9.43
CA ARG A 69 20.10 20.18 9.29
C ARG A 69 19.86 20.89 7.97
N ASP A 70 20.88 21.48 7.35
CA ASP A 70 20.65 22.21 6.12
C ASP A 70 19.90 21.37 5.09
N GLN A 71 20.29 20.09 4.97
CA GLN A 71 19.73 19.24 3.92
C GLN A 71 18.21 19.09 4.06
N TYR A 72 17.70 18.97 5.28
CA TYR A 72 16.24 18.87 5.37
C TYR A 72 15.55 20.23 5.36
N MET A 73 16.24 21.29 5.74
CA MET A 73 15.61 22.61 5.69
C MET A 73 15.46 23.08 4.26
N ARG A 74 16.32 22.62 3.36
CA ARG A 74 16.16 22.98 1.95
C ARG A 74 14.87 22.41 1.37
N THR A 75 14.52 21.19 1.75
CA THR A 75 13.37 20.53 1.12
C THR A 75 12.05 20.96 1.72
N GLY A 76 12.04 21.41 2.97
CA GLY A 76 10.78 21.64 3.65
C GLY A 76 10.08 22.89 3.16
N GLU A 77 8.74 22.82 3.06
CA GLU A 77 7.95 23.98 2.73
CA GLU A 77 7.91 23.96 2.73
C GLU A 77 7.41 24.72 3.94
N GLY A 78 7.22 24.02 5.06
CA GLY A 78 6.76 24.67 6.28
C GLY A 78 7.33 23.93 7.46
N PHE A 79 7.46 24.64 8.58
CA PHE A 79 8.14 24.07 9.74
C PHE A 79 7.31 24.22 11.00
N LEU A 80 7.12 23.11 11.71
N LEU A 80 7.19 23.13 11.74
CA LEU A 80 6.62 23.16 13.09
CA LEU A 80 6.62 23.13 13.09
C LEU A 80 7.82 23.31 14.01
C LEU A 80 7.78 23.27 14.08
N CYS A 81 7.88 24.43 14.73
CA CYS A 81 8.97 24.70 15.66
C CYS A 81 8.48 24.38 17.06
N VAL A 82 8.95 23.27 17.61
CA VAL A 82 8.38 22.68 18.82
C VAL A 82 9.32 22.91 20.00
N PHE A 83 8.76 23.36 21.12
CA PHE A 83 9.45 23.29 22.41
C PHE A 83 8.49 22.63 23.38
N ALA A 84 8.96 22.34 24.59
CA ALA A 84 8.13 21.75 25.63
C ALA A 84 7.90 22.79 26.72
N ILE A 85 6.64 22.94 27.16
CA ILE A 85 6.31 24.03 28.07
C ILE A 85 6.86 23.81 29.47
N ASN A 86 7.46 22.65 29.75
CA ASN A 86 8.13 22.39 31.01
C ASN A 86 9.65 22.35 30.86
N ASN A 87 10.19 22.90 29.79
N ASN A 87 10.18 22.95 29.80
CA ASN A 87 11.64 22.90 29.56
CA ASN A 87 11.61 22.90 29.48
C ASN A 87 12.05 24.24 28.97
C ASN A 87 12.01 24.26 28.90
N THR A 88 12.57 25.13 29.84
N THR A 88 12.52 25.14 29.77
CA THR A 88 12.90 26.48 29.39
CA THR A 88 12.85 26.49 29.30
C THR A 88 14.00 26.47 28.33
C THR A 88 14.02 26.48 28.32
N LYS A 89 14.96 25.55 28.46
CA LYS A 89 16.05 25.50 27.49
C LYS A 89 15.52 25.21 26.09
N SER A 90 14.53 24.32 25.96
CA SER A 90 13.99 24.04 24.64
C SER A 90 13.32 25.27 24.04
N PHE A 91 12.74 26.13 24.88
CA PHE A 91 12.17 27.37 24.38
C PHE A 91 13.26 28.33 23.92
N GLU A 92 14.35 28.43 24.68
CA GLU A 92 15.48 29.25 24.26
C GLU A 92 16.14 28.71 22.99
N ASP A 93 16.02 27.40 22.72
CA ASP A 93 16.58 26.84 21.49
C ASP A 93 15.78 27.21 20.25
N ILE A 94 14.53 27.70 20.41
CA ILE A 94 13.67 27.94 19.25
C ILE A 94 14.32 28.95 18.30
N HIS A 95 14.91 30.02 18.84
CA HIS A 95 15.38 31.06 17.94
C HIS A 95 16.53 30.57 17.05
N GLN A 96 17.33 29.62 17.54
N GLN A 96 17.30 29.60 17.53
CA GLN A 96 18.37 29.02 16.70
CA GLN A 96 18.37 29.03 16.71
C GLN A 96 17.76 28.33 15.49
C GLN A 96 17.80 28.28 15.50
N TYR A 97 16.71 27.54 15.70
CA TYR A 97 16.05 26.88 14.57
C TYR A 97 15.44 27.90 13.62
N ARG A 98 14.77 28.91 14.17
CA ARG A 98 14.17 29.95 13.34
C ARG A 98 15.22 30.63 12.46
N GLU A 99 16.37 30.95 13.03
CA GLU A 99 17.39 31.68 12.27
C GLU A 99 18.05 30.78 11.23
N GLN A 100 18.25 29.50 11.56
CA GLN A 100 18.85 28.61 10.58
C GLN A 100 17.92 28.37 9.41
N ILE A 101 16.63 28.19 9.67
CA ILE A 101 15.68 28.00 8.58
C ILE A 101 15.69 29.21 7.65
N LYS A 102 15.67 30.42 8.23
CA LYS A 102 15.69 31.63 7.43
C LYS A 102 16.96 31.71 6.59
N ARG A 103 18.11 31.36 7.17
N ARG A 103 18.10 31.34 7.16
CA ARG A 103 19.35 31.39 6.42
CA ARG A 103 19.37 31.38 6.43
C ARG A 103 19.32 30.39 5.26
C ARG A 103 19.37 30.39 5.28
N VAL A 104 18.95 29.15 5.55
CA VAL A 104 19.00 28.09 4.54
C VAL A 104 18.04 28.40 3.39
N LYS A 105 16.82 28.80 3.71
CA LYS A 105 15.86 29.07 2.67
C LYS A 105 16.01 30.49 2.12
N ASP A 106 16.97 31.25 2.64
CA ASP A 106 17.25 32.62 2.19
C ASP A 106 15.95 33.42 2.09
N SER A 107 15.20 33.42 3.19
CA SER A 107 13.87 34.00 3.17
C SER A 107 13.46 34.43 4.57
N ASP A 108 12.80 35.58 4.63
CA ASP A 108 12.19 36.10 5.85
C ASP A 108 10.73 35.67 6.00
N ASP A 109 10.21 34.89 5.06
CA ASP A 109 8.79 34.62 4.96
C ASP A 109 8.52 33.12 4.77
N VAL A 110 9.04 32.30 5.68
CA VAL A 110 8.88 30.85 5.61
C VAL A 110 7.67 30.45 6.45
N PRO A 111 6.74 29.65 5.92
CA PRO A 111 5.63 29.16 6.74
C PRO A 111 6.12 28.44 7.98
N MET A 112 5.66 28.89 9.15
N MET A 112 5.66 28.87 9.14
CA MET A 112 6.03 28.28 10.41
CA MET A 112 6.07 28.27 10.40
C MET A 112 4.86 28.33 11.37
C MET A 112 4.96 28.41 11.44
N VAL A 113 4.90 27.46 12.37
CA VAL A 113 4.01 27.50 13.52
C VAL A 113 4.86 27.23 14.76
N LEU A 114 4.69 28.04 15.80
CA LEU A 114 5.34 27.80 17.09
C LEU A 114 4.48 26.86 17.92
N VAL A 115 5.05 25.76 18.39
CA VAL A 115 4.29 24.73 19.11
C VAL A 115 4.87 24.57 20.51
N GLY A 116 4.02 24.78 21.52
CA GLY A 116 4.39 24.48 22.89
C GLY A 116 3.78 23.17 23.33
N ASN A 117 4.59 22.11 23.38
CA ASN A 117 4.08 20.77 23.58
C ASN A 117 4.10 20.38 25.07
N LYS A 118 3.43 19.27 25.38
CA LYS A 118 3.31 18.70 26.73
C LYS A 118 2.39 19.55 27.60
N CYS A 119 1.33 20.10 27.00
CA CYS A 119 0.44 20.99 27.75
C CYS A 119 -0.50 20.21 28.67
N ASP A 120 -0.41 18.88 28.68
CA ASP A 120 -1.10 18.06 29.67
C ASP A 120 -0.43 18.10 31.04
N LEU A 121 0.82 18.55 31.09
CA LEU A 121 1.58 18.54 32.34
C LEU A 121 1.31 19.82 33.13
N ALA A 122 1.09 19.67 34.43
CA ALA A 122 0.76 20.83 35.26
C ALA A 122 1.97 21.73 35.49
N ALA A 123 3.17 21.14 35.57
CA ALA A 123 4.36 21.86 36.03
C ALA A 123 5.01 22.62 34.87
N ARG A 124 4.33 23.67 34.44
CA ARG A 124 4.79 24.52 33.35
C ARG A 124 5.90 25.46 33.80
N THR A 125 6.92 25.64 32.95
CA THR A 125 7.97 26.62 33.21
C THR A 125 8.08 27.71 32.15
N VAL A 126 7.45 27.54 30.99
CA VAL A 126 7.37 28.59 29.98
C VAL A 126 5.94 29.09 29.95
N GLU A 127 5.73 30.37 30.23
CA GLU A 127 4.38 30.91 30.23
C GLU A 127 3.90 31.15 28.81
N SER A 128 2.59 30.96 28.60
CA SER A 128 2.01 31.13 27.28
C SER A 128 2.30 32.52 26.73
N ARG A 129 2.23 33.53 27.59
CA ARG A 129 2.47 34.90 27.15
C ARG A 129 3.86 35.07 26.57
N GLN A 130 4.88 34.49 27.21
CA GLN A 130 6.24 34.60 26.69
C GLN A 130 6.34 33.94 25.32
N ALA A 131 5.73 32.77 25.14
CA ALA A 131 5.76 32.12 23.83
C ALA A 131 4.96 32.91 22.81
N GLN A 132 3.81 33.45 23.22
CA GLN A 132 2.99 34.21 22.28
C GLN A 132 3.73 35.46 21.81
N ASP A 133 4.45 36.14 22.72
CA ASP A 133 5.23 37.31 22.33
C ASP A 133 6.26 36.94 21.28
N LEU A 134 6.95 35.82 21.47
CA LEU A 134 7.92 35.37 20.48
C LEU A 134 7.25 35.09 19.14
N ALA A 135 6.13 34.37 19.18
CA ALA A 135 5.42 34.08 17.94
C ALA A 135 5.04 35.36 17.20
N ARG A 136 4.52 36.36 17.93
CA ARG A 136 4.13 37.60 17.28
C ARG A 136 5.34 38.27 16.61
N SER A 137 6.51 38.21 17.26
CA SER A 137 7.71 38.79 16.68
C SER A 137 8.13 38.07 15.41
N TYR A 138 7.73 36.81 15.24
CA TYR A 138 7.99 36.06 14.02
C TYR A 138 6.86 36.18 13.01
N GLY A 139 5.73 36.74 13.39
CA GLY A 139 4.58 36.78 12.50
C GLY A 139 3.86 35.46 12.34
N ILE A 140 3.91 34.58 13.33
CA ILE A 140 3.37 33.22 13.17
C ILE A 140 2.46 32.89 14.35
N PRO A 141 1.55 31.92 14.18
CA PRO A 141 0.68 31.53 15.29
C PRO A 141 1.40 30.66 16.29
N TYR A 142 0.84 30.62 17.49
CA TYR A 142 1.34 29.80 18.60
C TYR A 142 0.24 28.86 19.04
N ILE A 143 0.54 27.57 19.05
CA ILE A 143 -0.45 26.56 19.39
C ILE A 143 0.13 25.65 20.46
N GLU A 144 -0.57 25.51 21.58
CA GLU A 144 -0.13 24.57 22.62
C GLU A 144 -0.76 23.21 22.37
N THR A 145 0.04 22.15 22.54
CA THR A 145 -0.35 20.81 22.15
C THR A 145 -0.04 19.82 23.25
N SER A 146 -0.71 18.68 23.19
CA SER A 146 -0.32 17.50 23.95
C SER A 146 -0.37 16.29 23.01
N ALA A 147 0.80 15.69 22.76
CA ALA A 147 0.80 14.44 22.01
C ALA A 147 0.12 13.32 22.80
N LYS A 148 0.03 13.47 24.12
CA LYS A 148 -0.57 12.44 24.95
C LYS A 148 -2.09 12.46 24.86
N THR A 149 -2.70 13.64 24.93
CA THR A 149 -4.17 13.74 24.92
C THR A 149 -4.76 14.08 23.57
N ARG A 150 -3.93 14.49 22.60
CA ARG A 150 -4.28 14.99 21.26
C ARG A 150 -4.68 16.45 21.28
N GLN A 151 -4.76 17.12 22.43
CA GLN A 151 -5.12 18.53 22.45
C GLN A 151 -4.22 19.31 21.50
N GLY A 152 -4.84 20.05 20.59
CA GLY A 152 -4.12 20.96 19.70
C GLY A 152 -3.34 20.32 18.56
N VAL A 153 -3.29 19.00 18.47
CA VAL A 153 -2.36 18.36 17.52
C VAL A 153 -2.78 18.61 16.08
N GLU A 154 -4.04 18.32 15.74
CA GLU A 154 -4.51 18.63 14.39
C GLU A 154 -4.43 20.12 14.10
N ASP A 155 -4.76 20.95 15.09
CA ASP A 155 -4.70 22.39 14.90
C ASP A 155 -3.30 22.83 14.49
N ALA A 156 -2.27 22.28 15.14
CA ALA A 156 -0.91 22.70 14.83
C ALA A 156 -0.53 22.33 13.40
N PHE A 157 -0.70 21.05 13.04
CA PHE A 157 -0.30 20.60 11.72
C PHE A 157 -1.14 21.24 10.63
N TYR A 158 -2.45 21.35 10.85
CA TYR A 158 -3.29 21.85 9.75
C TYR A 158 -3.19 23.37 9.63
N THR A 159 -2.88 24.07 10.73
CA THR A 159 -2.55 25.50 10.60
C THR A 159 -1.32 25.70 9.72
N LEU A 160 -0.31 24.84 9.90
CA LEU A 160 0.88 24.95 9.05
C LEU A 160 0.53 24.70 7.59
N VAL A 161 -0.32 23.71 7.31
CA VAL A 161 -0.75 23.47 5.93
C VAL A 161 -1.39 24.73 5.34
N ARG A 162 -2.27 25.38 6.12
CA ARG A 162 -2.94 26.57 5.63
C ARG A 162 -1.93 27.68 5.32
N GLU A 163 -0.86 27.78 6.10
CA GLU A 163 0.16 28.79 5.86
CA GLU A 163 0.14 28.80 5.84
C GLU A 163 0.92 28.49 4.57
N ILE A 164 1.24 27.22 4.33
CA ILE A 164 1.89 26.86 3.07
C ILE A 164 0.96 27.14 1.90
N ARG A 165 -0.32 26.78 2.05
CA ARG A 165 -1.29 26.96 0.99
C ARG A 165 -1.38 28.42 0.56
N GLN A 166 -1.30 29.34 1.51
CA GLN A 166 -1.43 30.77 1.24
C GLN A 166 -0.10 31.45 0.94
N HIS A 167 1.01 30.74 1.02
CA HIS A 167 2.32 31.32 0.82
C HIS A 167 2.50 31.88 -0.59
N GLY B 1 37.39 23.74 -1.02
CA GLY B 1 37.22 22.60 -1.90
C GLY B 1 36.53 21.44 -1.21
N GLN B 2 36.20 20.41 -1.98
CA GLN B 2 35.57 19.23 -1.39
C GLN B 2 36.55 18.54 -0.44
N MET B 3 35.97 17.82 0.52
CA MET B 3 36.79 16.99 1.38
C MET B 3 37.49 15.92 0.56
N ARG B 4 38.71 15.59 0.96
CA ARG B 4 39.33 14.39 0.43
C ARG B 4 38.73 13.16 1.09
N LEU B 5 38.79 12.04 0.37
CA LEU B 5 38.18 10.79 0.79
C LEU B 5 39.25 9.74 1.06
N PRO B 6 38.92 8.69 1.81
CA PRO B 6 39.86 7.57 1.93
C PRO B 6 40.17 7.01 0.56
N SER B 7 41.33 6.37 0.44
CA SER B 7 41.66 5.64 -0.77
C SER B 7 40.62 4.56 -1.04
N ALA B 8 40.17 4.46 -2.28
CA ALA B 8 39.17 3.45 -2.63
C ALA B 8 39.72 2.04 -2.44
N ASP B 9 41.03 1.88 -2.27
CA ASP B 9 41.62 0.57 -2.01
C ASP B 9 41.42 0.11 -0.57
N VAL B 10 41.34 1.03 0.38
CA VAL B 10 41.05 0.67 1.76
C VAL B 10 39.57 0.84 2.11
N TYR B 11 38.81 1.59 1.33
CA TYR B 11 37.40 1.87 1.66
C TYR B 11 36.62 1.92 0.36
N ARG B 12 35.82 0.89 0.10
CA ARG B 12 35.23 0.69 -1.22
C ARG B 12 34.22 1.75 -1.59
N PHE B 13 33.65 2.46 -0.62
CA PHE B 13 32.58 3.40 -0.89
C PHE B 13 33.10 4.78 -1.32
N ALA B 14 34.40 4.90 -1.60
CA ALA B 14 34.98 6.15 -2.08
C ALA B 14 35.31 6.10 -3.57
N GLU B 15 34.95 5.03 -4.25
CA GLU B 15 35.12 4.97 -5.69
C GLU B 15 34.30 6.07 -6.34
N PRO B 16 34.83 6.76 -7.35
CA PRO B 16 34.06 7.82 -7.99
C PRO B 16 32.84 7.27 -8.73
N ASP B 17 31.76 8.05 -8.71
CA ASP B 17 30.59 7.75 -9.54
C ASP B 17 30.99 7.68 -11.00
N SER B 18 30.46 6.69 -11.70
CA SER B 18 30.62 6.61 -13.15
C SER B 18 29.41 5.90 -13.71
N GLU B 19 29.22 6.01 -15.03
CA GLU B 19 28.13 5.27 -15.64
C GLU B 19 28.32 3.75 -15.56
N GLU B 20 29.52 3.29 -15.19
CA GLU B 20 29.71 1.86 -14.97
C GLU B 20 29.25 1.40 -13.60
N ASN B 21 28.93 2.32 -12.67
CA ASN B 21 28.47 1.88 -11.37
C ASN B 21 27.22 2.58 -10.83
N ILE B 22 26.75 3.66 -11.46
CA ILE B 22 25.51 4.32 -11.01
C ILE B 22 24.94 5.12 -12.17
N ILE B 23 23.61 5.06 -12.32
CA ILE B 23 22.89 5.82 -13.34
C ILE B 23 21.75 6.56 -12.67
N PHE B 24 21.66 7.86 -12.93
CA PHE B 24 20.61 8.67 -12.32
C PHE B 24 19.48 8.92 -13.31
N GLU B 25 18.27 9.10 -12.77
CA GLU B 25 17.16 9.53 -13.60
C GLU B 25 17.36 10.98 -14.03
N GLU B 26 16.66 11.37 -15.09
CA GLU B 26 16.69 12.76 -15.54
C GLU B 26 15.78 13.61 -14.64
N GLY B 33 15.88 18.72 -4.09
CA GLY B 33 16.51 18.48 -5.38
C GLY B 33 17.62 17.44 -5.31
N ILE B 34 17.36 16.33 -4.62
CA ILE B 34 18.35 15.28 -4.50
C ILE B 34 18.22 14.34 -5.70
N PRO B 35 19.30 13.70 -6.12
CA PRO B 35 19.22 12.83 -7.31
C PRO B 35 18.36 11.61 -7.05
N ILE B 36 17.78 11.09 -8.13
CA ILE B 36 16.98 9.88 -8.12
C ILE B 36 17.75 8.82 -8.90
N ILE B 37 17.96 7.66 -8.26
CA ILE B 37 18.82 6.64 -8.82
C ILE B 37 18.00 5.71 -9.72
N LYS B 38 18.45 5.54 -10.96
CA LYS B 38 17.82 4.57 -11.84
C LYS B 38 18.41 3.17 -11.66
N ALA B 39 19.74 3.07 -11.55
CA ALA B 39 20.41 1.78 -11.45
C ALA B 39 21.76 1.99 -10.80
N GLY B 40 22.30 0.91 -10.24
CA GLY B 40 23.65 1.02 -9.68
C GLY B 40 24.11 -0.33 -9.16
N THR B 41 25.40 -0.39 -8.86
CA THR B 41 25.89 -1.55 -8.13
C THR B 41 25.37 -1.49 -6.70
N VAL B 42 25.40 -2.65 -6.01
CA VAL B 42 24.95 -2.66 -4.62
C VAL B 42 25.82 -1.73 -3.77
N ILE B 43 27.12 -1.66 -4.06
CA ILE B 43 27.99 -0.75 -3.31
C ILE B 43 27.54 0.69 -3.47
N LYS B 44 27.21 1.11 -4.69
CA LYS B 44 26.77 2.49 -4.90
C LYS B 44 25.40 2.74 -4.28
N LEU B 45 24.51 1.74 -4.30
CA LEU B 45 23.22 1.91 -3.65
C LEU B 45 23.38 2.12 -2.16
N ILE B 46 24.30 1.37 -1.53
CA ILE B 46 24.48 1.51 -0.08
C ILE B 46 25.16 2.83 0.24
N GLU B 47 26.09 3.26 -0.62
CA GLU B 47 26.69 4.58 -0.44
C GLU B 47 25.62 5.66 -0.44
N ARG B 48 24.70 5.62 -1.40
CA ARG B 48 23.69 6.66 -1.49
C ARG B 48 22.62 6.49 -0.43
N LEU B 49 22.41 5.26 0.04
CA LEU B 49 21.50 5.02 1.17
C LEU B 49 21.96 5.73 2.43
N THR B 50 23.26 5.98 2.54
CA THR B 50 23.88 6.50 3.75
C THR B 50 24.78 7.68 3.39
N TYR B 51 24.29 8.54 2.51
CA TYR B 51 25.14 9.55 1.87
C TYR B 51 25.48 10.68 2.83
N HIS B 52 26.71 11.21 2.72
CA HIS B 52 27.10 12.22 3.70
C HIS B 52 26.44 13.57 3.45
N MET B 53 25.97 13.86 2.24
CA MET B 53 25.47 15.19 1.91
CA MET B 53 25.46 15.19 1.93
C MET B 53 23.99 15.37 2.25
N TYR B 54 23.22 14.30 2.31
CA TYR B 54 21.80 14.48 2.56
C TYR B 54 21.22 13.18 3.09
N ALA B 55 20.08 13.31 3.78
CA ALA B 55 19.27 12.18 4.18
C ALA B 55 18.22 11.92 3.11
N ASP B 56 17.80 10.67 3.01
CA ASP B 56 16.81 10.28 1.99
C ASP B 56 15.91 9.23 2.61
N PRO B 57 15.02 9.66 3.51
CA PRO B 57 14.19 8.69 4.26
C PRO B 57 13.32 7.85 3.36
N ASN B 58 12.83 8.43 2.25
CA ASN B 58 12.06 7.63 1.31
CA ASN B 58 12.06 7.63 1.31
C ASN B 58 12.92 6.53 0.70
N PHE B 59 14.18 6.84 0.39
CA PHE B 59 15.10 5.84 -0.14
C PHE B 59 15.34 4.73 0.87
N VAL B 60 15.47 5.08 2.16
CA VAL B 60 15.68 4.07 3.18
C VAL B 60 14.50 3.10 3.21
N ARG B 61 13.28 3.62 3.17
CA ARG B 61 12.11 2.74 3.15
C ARG B 61 12.08 1.89 1.88
N THR B 62 12.29 2.53 0.72
N THR B 62 12.34 2.50 0.73
CA THR B 62 12.31 1.79 -0.54
CA THR B 62 12.26 1.73 -0.52
C THR B 62 13.32 0.65 -0.49
C THR B 62 13.37 0.68 -0.61
N PHE B 63 14.55 0.98 -0.09
CA PHE B 63 15.61 -0.01 -0.07
C PHE B 63 15.30 -1.15 0.90
N LEU B 64 14.92 -0.82 2.15
CA LEU B 64 14.68 -1.87 3.12
C LEU B 64 13.46 -2.72 2.76
N THR B 65 12.51 -2.15 2.02
CA THR B 65 11.35 -2.93 1.57
C THR B 65 11.71 -3.91 0.47
N THR B 66 12.64 -3.55 -0.42
CA THR B 66 12.82 -4.28 -1.68
C THR B 66 14.18 -4.95 -1.87
N TYR B 67 15.14 -4.76 -0.96
CA TYR B 67 16.51 -5.15 -1.29
C TYR B 67 16.71 -6.65 -1.44
N ARG B 68 15.81 -7.47 -0.88
CA ARG B 68 16.09 -8.91 -0.87
C ARG B 68 16.05 -9.50 -2.27
N SER B 69 15.50 -8.78 -3.26
CA SER B 69 15.54 -9.21 -4.65
C SER B 69 16.91 -9.06 -5.27
N PHE B 70 17.86 -8.39 -4.60
CA PHE B 70 19.20 -8.26 -5.15
C PHE B 70 20.32 -8.42 -4.12
N CYS B 71 20.02 -8.56 -2.83
CA CYS B 71 21.05 -8.70 -1.81
C CYS B 71 20.49 -9.50 -0.65
N LYS B 72 21.25 -10.49 -0.16
CA LYS B 72 20.76 -11.26 0.98
C LYS B 72 20.85 -10.44 2.27
N PRO B 73 19.96 -10.68 3.25
CA PRO B 73 20.04 -9.96 4.53
C PRO B 73 21.41 -10.03 5.18
N GLN B 74 22.05 -11.20 5.20
CA GLN B 74 23.39 -11.31 5.81
C GLN B 74 24.39 -10.44 5.08
N GLU B 75 24.29 -10.37 3.76
CA GLU B 75 25.23 -9.58 2.98
C GLU B 75 24.97 -8.09 3.16
N LEU B 76 23.71 -7.69 3.27
CA LEU B 76 23.40 -6.29 3.56
C LEU B 76 24.05 -5.86 4.87
N LEU B 77 23.91 -6.66 5.92
CA LEU B 77 24.50 -6.29 7.20
C LEU B 77 26.02 -6.17 7.08
N SER B 78 26.66 -7.13 6.41
CA SER B 78 28.11 -7.00 6.20
C SER B 78 28.45 -5.70 5.50
N LEU B 79 27.66 -5.33 4.49
CA LEU B 79 28.00 -4.14 3.73
C LEU B 79 27.79 -2.87 4.53
N ILE B 80 26.75 -2.80 5.37
CA ILE B 80 26.61 -1.55 6.10
C ILE B 80 27.60 -1.47 7.25
N ILE B 81 28.05 -2.60 7.80
CA ILE B 81 29.15 -2.55 8.76
C ILE B 81 30.42 -2.05 8.09
N GLU B 82 30.69 -2.54 6.88
CA GLU B 82 31.84 -2.05 6.10
C GLU B 82 31.71 -0.55 5.83
N ARG B 83 30.49 -0.09 5.51
CA ARG B 83 30.25 1.33 5.31
C ARG B 83 30.57 2.13 6.57
N PHE B 84 30.23 1.58 7.74
CA PHE B 84 30.36 2.29 9.00
C PHE B 84 31.82 2.53 9.35
N GLU B 85 32.70 1.62 8.94
CA GLU B 85 34.09 1.60 9.45
C GLU B 85 34.97 2.45 8.51
N ILE B 86 34.90 3.75 8.72
CA ILE B 86 35.53 4.74 7.84
C ILE B 86 36.89 5.11 8.41
N PRO B 87 37.97 5.04 7.63
CA PRO B 87 39.28 5.42 8.15
C PRO B 87 39.43 6.93 8.23
N GLU B 88 40.15 7.36 9.29
CA GLU B 88 40.40 8.79 9.45
C GLU B 88 41.66 9.20 8.69
N PRO B 89 41.71 10.43 8.16
CA PRO B 89 42.88 10.85 7.40
C PRO B 89 44.10 11.07 8.29
N GLU B 90 45.28 11.00 7.69
CA GLU B 90 46.52 11.26 8.40
C GLU B 90 46.71 12.77 8.62
N PRO B 91 47.57 13.15 9.58
CA PRO B 91 47.84 14.59 9.78
C PRO B 91 48.36 15.26 8.52
N THR B 92 47.96 16.51 8.32
CA THR B 92 48.42 17.27 7.18
C THR B 92 49.79 17.88 7.45
N GLU B 93 50.37 18.51 6.44
CA GLU B 93 51.67 19.13 6.57
C GLU B 93 51.69 20.17 7.70
N ALA B 94 50.63 20.98 7.81
CA ALA B 94 50.59 21.98 8.88
C ALA B 94 50.53 21.31 10.25
N ASP B 95 49.77 20.21 10.36
CA ASP B 95 49.72 19.48 11.62
C ASP B 95 51.08 18.89 11.97
N ARG B 96 51.77 18.35 10.96
N ARG B 96 51.77 18.35 10.96
CA ARG B 96 53.09 17.78 11.18
CA ARG B 96 53.10 17.78 11.18
C ARG B 96 54.07 18.82 11.70
C ARG B 96 54.06 18.83 11.72
N ILE B 97 54.05 20.03 11.13
CA ILE B 97 54.97 21.08 11.55
C ILE B 97 54.66 21.52 12.98
N ALA B 98 53.37 21.59 13.33
CA ALA B 98 53.02 21.92 14.71
C ALA B 98 53.54 20.87 15.68
N ILE B 99 53.34 19.59 15.36
CA ILE B 99 53.77 18.51 16.24
C ILE B 99 55.28 18.53 16.40
N GLU B 100 56.01 18.84 15.32
CA GLU B 100 57.47 18.87 15.39
C GLU B 100 57.98 20.00 16.28
N ASN B 101 57.17 21.03 16.49
CA ASN B 101 57.51 22.12 17.39
C ASN B 101 56.94 21.91 18.79
N GLY B 102 56.40 20.74 19.09
CA GLY B 102 55.81 20.48 20.39
C GLY B 102 54.49 21.15 20.64
N ASP B 103 53.83 21.66 19.61
CA ASP B 103 52.54 22.33 19.74
C ASP B 103 51.40 21.39 19.38
N GLN B 104 50.20 21.75 19.80
CA GLN B 104 49.04 20.97 19.44
C GLN B 104 48.62 21.32 18.02
N PRO B 105 48.40 20.33 17.14
CA PRO B 105 47.97 20.66 15.78
C PRO B 105 46.54 21.15 15.77
N LEU B 106 46.23 21.96 14.77
CA LEU B 106 44.85 22.43 14.59
C LEU B 106 43.96 21.32 14.07
N SER B 107 44.52 20.37 13.33
CA SER B 107 43.77 19.24 12.75
C SER B 107 42.51 19.69 12.04
N ALA B 108 42.59 20.80 11.31
CA ALA B 108 41.40 21.37 10.70
C ALA B 108 40.75 20.38 9.72
N GLU B 109 41.56 19.71 8.90
CA GLU B 109 41.00 18.81 7.89
C GLU B 109 40.41 17.56 8.53
N LEU B 110 41.09 17.02 9.55
CA LEU B 110 40.56 15.87 10.28
C LEU B 110 39.24 16.20 10.96
N LYS B 111 39.18 17.34 11.65
CA LYS B 111 37.94 17.73 12.32
C LYS B 111 36.80 17.93 11.33
N ARG B 112 37.09 18.52 10.16
CA ARG B 112 36.05 18.67 9.15
C ARG B 112 35.59 17.33 8.62
N PHE B 113 36.53 16.42 8.35
CA PHE B 113 36.14 15.11 7.82
C PHE B 113 35.30 14.33 8.83
N ARG B 114 35.62 14.44 10.12
CA ARG B 114 34.78 13.82 11.15
C ARG B 114 33.39 14.43 11.15
N LYS B 115 33.31 15.76 11.12
CA LYS B 115 32.03 16.45 11.27
C LYS B 115 31.16 16.30 10.04
N GLU B 116 31.76 16.32 8.84
CA GLU B 116 30.97 16.40 7.62
C GLU B 116 30.94 15.11 6.81
N TYR B 117 31.78 14.12 7.13
CA TYR B 117 31.72 12.83 6.44
C TYR B 117 31.44 11.69 7.43
N ILE B 118 32.33 11.46 8.40
CA ILE B 118 32.21 10.27 9.24
C ILE B 118 30.91 10.33 10.06
N GLN B 119 30.68 11.44 10.76
CA GLN B 119 29.52 11.45 11.64
C GLN B 119 28.19 11.36 10.87
N PRO B 120 27.99 12.08 9.77
CA PRO B 120 26.74 11.88 9.02
C PRO B 120 26.60 10.48 8.43
N VAL B 121 27.66 9.92 7.85
CA VAL B 121 27.55 8.57 7.28
C VAL B 121 27.25 7.56 8.37
N GLN B 122 27.96 7.66 9.50
CA GLN B 122 27.75 6.70 10.57
C GLN B 122 26.35 6.82 11.15
N LEU B 123 25.87 8.04 11.34
N LEU B 123 25.87 8.05 11.33
CA LEU B 123 24.50 8.21 11.83
CA LEU B 123 24.50 8.24 11.83
C LEU B 123 23.48 7.67 10.84
C LEU B 123 23.48 7.68 10.84
N ARG B 124 23.74 7.85 9.55
CA ARG B 124 22.79 7.33 8.56
C ARG B 124 22.86 5.81 8.46
N VAL B 125 24.02 5.20 8.71
CA VAL B 125 24.07 3.74 8.84
C VAL B 125 23.22 3.30 10.02
N LEU B 126 23.36 3.99 11.16
CA LEU B 126 22.53 3.63 12.31
C LEU B 126 21.06 3.82 12.02
N ASN B 127 20.71 4.82 11.22
CA ASN B 127 19.30 5.02 10.87
C ASN B 127 18.78 3.88 10.00
N VAL B 128 19.62 3.34 9.12
CA VAL B 128 19.23 2.14 8.38
C VAL B 128 18.99 0.99 9.35
N CYS B 129 19.90 0.79 10.31
CA CYS B 129 19.72 -0.27 11.29
C CYS B 129 18.44 -0.09 12.09
N ARG B 130 18.17 1.15 12.53
CA ARG B 130 16.98 1.44 13.30
C ARG B 130 15.72 1.15 12.50
N HIS B 131 15.67 1.60 11.24
CA HIS B 131 14.50 1.33 10.40
C HIS B 131 14.37 -0.16 10.11
N TRP B 132 15.51 -0.83 9.90
CA TRP B 132 15.49 -2.27 9.63
C TRP B 132 14.85 -3.02 10.79
N VAL B 133 15.27 -2.71 12.02
CA VAL B 133 14.75 -3.41 13.19
C VAL B 133 13.30 -3.02 13.46
N GLU B 134 12.96 -1.74 13.29
CA GLU B 134 11.63 -1.30 13.67
C GLU B 134 10.56 -1.71 12.68
N HIS B 135 10.87 -1.69 11.38
CA HIS B 135 9.85 -1.82 10.36
C HIS B 135 10.03 -3.05 9.47
N HIS B 136 11.14 -3.77 9.60
CA HIS B 136 11.40 -4.93 8.77
C HIS B 136 11.99 -6.03 9.61
N PHE B 137 11.47 -6.19 10.83
CA PHE B 137 12.05 -7.09 11.80
C PHE B 137 11.93 -8.55 11.37
N TYR B 138 11.09 -8.86 10.38
CA TYR B 138 10.93 -10.24 9.96
C TYR B 138 12.24 -10.87 9.50
N ASP B 139 13.18 -10.08 8.97
CA ASP B 139 14.48 -10.66 8.61
C ASP B 139 15.13 -11.31 9.81
N PHE B 140 15.01 -10.69 10.98
CA PHE B 140 15.63 -11.18 12.20
C PHE B 140 14.78 -12.28 12.86
N GLU B 141 13.46 -12.22 12.70
CA GLU B 141 12.64 -13.32 13.21
C GLU B 141 12.93 -14.62 12.47
N ARG B 142 13.26 -14.53 11.20
CA ARG B 142 13.50 -15.69 10.36
C ARG B 142 14.95 -16.13 10.35
N ASP B 143 15.85 -15.34 10.91
CA ASP B 143 17.28 -15.69 10.92
C ASP B 143 17.87 -15.20 12.24
N ALA B 144 17.91 -16.11 13.23
CA ALA B 144 18.38 -15.72 14.56
C ALA B 144 19.85 -15.29 14.53
N TYR B 145 20.65 -15.87 13.64
CA TYR B 145 22.05 -15.48 13.57
C TYR B 145 22.20 -14.07 13.03
N LEU B 146 21.35 -13.65 12.09
CA LEU B 146 21.37 -12.27 11.64
C LEU B 146 21.12 -11.32 12.82
N LEU B 147 20.19 -11.68 13.69
CA LEU B 147 19.90 -10.84 14.85
C LEU B 147 21.09 -10.77 15.80
N GLN B 148 21.75 -11.90 16.05
CA GLN B 148 22.96 -11.88 16.87
C GLN B 148 24.00 -10.94 16.29
N ARG B 149 24.21 -10.98 14.97
CA ARG B 149 25.22 -10.12 14.36
C ARG B 149 24.85 -8.64 14.50
N MET B 150 23.56 -8.32 14.36
CA MET B 150 23.12 -6.95 14.53
C MET B 150 23.30 -6.50 15.98
N GLU B 151 22.91 -7.35 16.95
CA GLU B 151 23.10 -7.01 18.35
C GLU B 151 24.57 -6.76 18.66
N GLU B 152 25.46 -7.59 18.11
N GLU B 152 25.46 -7.61 18.14
CA GLU B 152 26.89 -7.47 18.39
CA GLU B 152 26.89 -7.46 18.40
C GLU B 152 27.49 -6.24 17.73
C GLU B 152 27.43 -6.19 17.76
N PHE B 153 27.03 -5.90 16.53
CA PHE B 153 27.50 -4.68 15.87
C PHE B 153 27.08 -3.44 16.67
N ILE B 154 25.79 -3.31 16.94
CA ILE B 154 25.30 -2.13 17.66
C ILE B 154 25.93 -2.06 19.04
N GLY B 155 26.01 -3.19 19.73
CA GLY B 155 26.51 -3.21 21.09
C GLY B 155 27.98 -2.94 21.24
N THR B 156 28.74 -2.92 20.13
CA THR B 156 30.17 -2.64 20.19
C THR B 156 30.58 -1.36 19.48
N VAL B 157 29.62 -0.50 19.11
CA VAL B 157 29.97 0.83 18.60
C VAL B 157 30.46 1.69 19.74
N ARG B 158 31.67 2.24 19.60
CA ARG B 158 32.30 3.04 20.64
C ARG B 158 32.20 4.52 20.31
N GLY B 159 32.55 5.35 21.28
CA GLY B 159 32.65 6.77 20.98
C GLY B 159 31.37 7.52 21.22
N LYS B 160 31.51 8.74 21.76
CA LYS B 160 30.38 9.41 22.36
C LYS B 160 29.42 10.02 21.35
N ALA B 161 29.86 10.26 20.11
CA ALA B 161 28.97 10.92 19.16
C ALA B 161 27.75 10.07 18.83
N MET B 162 27.93 8.74 18.74
CA MET B 162 26.83 7.83 18.40
C MET B 162 26.14 7.23 19.63
N LYS B 163 26.61 7.55 20.84
CA LYS B 163 26.22 6.80 22.03
C LYS B 163 24.72 6.81 22.28
N LYS B 164 24.07 7.97 22.13
CA LYS B 164 22.64 8.04 22.41
C LYS B 164 21.85 7.09 21.51
N TRP B 165 22.22 7.03 20.24
CA TRP B 165 21.47 6.19 19.31
C TRP B 165 21.83 4.72 19.44
N VAL B 166 23.08 4.41 19.79
CA VAL B 166 23.48 3.03 20.02
C VAL B 166 22.73 2.44 21.20
N GLU B 167 22.67 3.18 22.30
CA GLU B 167 21.95 2.70 23.47
C GLU B 167 20.46 2.57 23.19
N SER B 168 19.92 3.50 22.39
CA SER B 168 18.50 3.42 22.03
C SER B 168 18.22 2.22 21.15
N ILE B 169 19.05 1.98 20.13
CA ILE B 169 18.78 0.88 19.21
C ILE B 169 18.92 -0.46 19.93
N THR B 170 19.88 -0.57 20.85
CA THR B 170 19.96 -1.79 21.67
C THR B 170 18.65 -2.05 22.39
N LYS B 171 18.06 -1.02 23.01
CA LYS B 171 16.80 -1.22 23.72
C LYS B 171 15.66 -1.55 22.77
N ILE B 172 15.62 -0.91 21.60
CA ILE B 172 14.57 -1.19 20.63
C ILE B 172 14.63 -2.64 20.18
N ILE B 173 15.83 -3.15 19.91
CA ILE B 173 15.98 -4.56 19.54
C ILE B 173 15.43 -5.46 20.63
N GLN B 174 15.81 -5.19 21.88
CA GLN B 174 15.36 -6.07 22.96
C GLN B 174 13.85 -6.03 23.10
N ARG B 175 13.24 -4.84 22.93
N ARG B 175 13.23 -4.86 22.91
CA ARG B 175 11.78 -4.72 22.95
CA ARG B 175 11.77 -4.77 22.97
C ARG B 175 11.15 -5.54 21.83
C ARG B 175 11.12 -5.51 21.81
N LYS B 176 11.69 -5.40 20.61
CA LYS B 176 11.12 -6.11 19.46
C LYS B 176 11.17 -7.61 19.63
N LYS B 177 12.15 -8.11 20.40
CA LYS B 177 12.28 -9.55 20.58
C LYS B 177 11.12 -10.12 21.38
N ILE B 178 10.66 -9.41 22.42
CA ILE B 178 9.60 -9.94 23.27
C ILE B 178 8.21 -9.43 22.88
N ALA B 179 8.11 -8.66 21.82
CA ALA B 179 6.81 -8.13 21.38
C ALA B 179 6.12 -9.13 20.46
N ASN B 187 -2.69 0.88 21.45
CA ASN B 187 -3.49 1.82 22.21
C ASN B 187 -3.86 3.02 21.33
N ILE B 188 -5.14 3.35 21.24
CA ILE B 188 -5.63 4.33 20.27
C ILE B 188 -6.40 5.37 21.04
N THR B 189 -6.14 6.65 20.73
CA THR B 189 -6.88 7.74 21.33
C THR B 189 -7.63 8.57 20.27
N PHE B 190 -8.90 8.86 20.55
CA PHE B 190 -9.73 9.80 19.79
C PHE B 190 -10.20 10.89 20.75
N GLN B 191 -10.54 12.04 20.18
CA GLN B 191 -11.19 13.04 21.02
C GLN B 191 -12.70 12.88 21.06
N SER B 192 -13.30 12.36 20.00
CA SER B 192 -14.73 12.07 19.97
C SER B 192 -15.00 10.63 20.41
N SER B 193 -16.19 10.41 20.96
CA SER B 193 -16.63 9.07 21.30
C SER B 193 -17.22 8.38 20.07
N PRO B 194 -17.07 7.07 19.96
CA PRO B 194 -17.72 6.33 18.87
C PRO B 194 -19.23 6.39 19.03
N PRO B 195 -19.98 6.26 17.94
CA PRO B 195 -21.44 6.28 18.04
C PRO B 195 -21.95 5.05 18.76
N THR B 196 -23.19 5.16 19.25
N THR B 196 -23.20 5.15 19.20
CA THR B 196 -23.81 4.06 19.99
CA THR B 196 -23.82 4.06 19.93
C THR B 196 -24.10 2.89 19.06
C THR B 196 -24.10 2.87 19.02
N VAL B 197 -23.85 1.67 19.54
CA VAL B 197 -24.14 0.46 18.78
C VAL B 197 -25.64 0.35 18.55
N GLU B 198 -26.04 0.04 17.32
CA GLU B 198 -27.46 -0.03 16.96
C GLU B 198 -27.96 -1.46 16.91
N TRP B 199 -29.20 -1.66 17.38
CA TRP B 199 -29.82 -2.97 17.41
C TRP B 199 -31.19 -2.93 16.73
N HIS B 200 -31.59 -4.07 16.17
CA HIS B 200 -32.83 -4.17 15.40
C HIS B 200 -33.63 -5.33 16.01
N ILE B 201 -33.91 -6.40 15.25
CA ILE B 201 -34.70 -7.50 15.79
C ILE B 201 -33.89 -8.32 16.79
N SER B 202 -32.69 -8.74 16.40
CA SER B 202 -31.79 -9.40 17.34
C SER B 202 -31.37 -8.43 18.44
N ARG B 203 -31.44 -8.89 19.67
CA ARG B 203 -31.07 -8.06 20.81
C ARG B 203 -29.72 -8.48 21.36
N PRO B 204 -29.04 -7.61 22.13
CA PRO B 204 -27.70 -7.94 22.64
C PRO B 204 -27.68 -9.28 23.37
N GLY B 205 -26.67 -10.08 23.06
CA GLY B 205 -26.50 -11.38 23.67
C GLY B 205 -27.27 -12.52 23.04
N HIS B 206 -28.14 -12.25 22.07
CA HIS B 206 -28.96 -13.29 21.46
C HIS B 206 -28.40 -13.70 20.10
N ILE B 207 -27.19 -14.25 20.16
CA ILE B 207 -26.40 -14.52 18.97
C ILE B 207 -27.08 -15.55 18.09
N GLU B 208 -27.91 -16.42 18.66
CA GLU B 208 -28.59 -17.46 17.90
C GLU B 208 -29.59 -16.90 16.89
N THR B 209 -30.07 -15.68 17.08
CA THR B 209 -30.98 -15.05 16.13
C THR B 209 -30.29 -14.16 15.11
N PHE B 210 -28.97 -13.95 15.24
CA PHE B 210 -28.26 -13.05 14.33
C PHE B 210 -28.37 -13.54 12.90
N ASP B 211 -28.69 -12.62 11.99
CA ASP B 211 -28.81 -12.93 10.57
C ASP B 211 -28.83 -11.62 9.81
N LEU B 212 -28.84 -11.73 8.48
CA LEU B 212 -28.79 -10.56 7.61
C LEU B 212 -29.90 -9.57 7.93
N LEU B 213 -31.12 -10.06 8.13
CA LEU B 213 -32.27 -9.16 8.29
C LEU B 213 -32.60 -8.84 9.74
N THR B 214 -32.02 -9.55 10.71
CA THR B 214 -32.31 -9.34 12.12
C THR B 214 -31.29 -8.46 12.83
N LEU B 215 -30.04 -8.44 12.39
CA LEU B 215 -29.11 -7.42 12.86
C LEU B 215 -29.46 -6.09 12.20
N HIS B 216 -29.07 -4.99 12.84
CA HIS B 216 -29.29 -3.67 12.26
C HIS B 216 -28.35 -3.46 11.08
N PRO B 217 -28.86 -3.04 9.92
CA PRO B 217 -27.97 -2.87 8.76
C PRO B 217 -26.85 -1.88 9.02
N ILE B 218 -27.07 -0.84 9.83
CA ILE B 218 -25.98 0.08 10.17
C ILE B 218 -24.89 -0.67 10.91
N GLU B 219 -25.28 -1.53 11.85
CA GLU B 219 -24.29 -2.19 12.68
C GLU B 219 -23.62 -3.33 11.92
N ILE B 220 -24.32 -3.99 11.00
CA ILE B 220 -23.65 -4.93 10.10
C ILE B 220 -22.51 -4.23 9.36
N ALA B 221 -22.80 -3.07 8.78
CA ALA B 221 -21.77 -2.37 8.01
C ALA B 221 -20.63 -1.90 8.91
N ARG B 222 -20.95 -1.43 10.12
CA ARG B 222 -19.89 -0.98 11.02
C ARG B 222 -18.99 -2.13 11.46
N GLN B 223 -19.58 -3.26 11.86
CA GLN B 223 -18.76 -4.35 12.39
C GLN B 223 -17.96 -5.02 11.27
N LEU B 224 -18.55 -5.13 10.07
CA LEU B 224 -17.76 -5.62 8.95
C LEU B 224 -16.64 -4.65 8.59
N THR B 225 -16.89 -3.34 8.72
CA THR B 225 -15.84 -2.37 8.44
C THR B 225 -14.69 -2.48 9.44
N LEU B 226 -15.00 -2.64 10.73
CA LEU B 226 -13.94 -2.86 11.72
C LEU B 226 -13.15 -4.13 11.40
N LEU B 227 -13.85 -5.21 11.06
CA LEU B 227 -13.19 -6.47 10.71
CA LEU B 227 -13.18 -6.47 10.72
C LEU B 227 -12.29 -6.30 9.49
N GLU B 228 -12.83 -5.68 8.43
CA GLU B 228 -12.10 -5.54 7.17
C GLU B 228 -10.96 -4.54 7.30
N SER B 229 -11.14 -3.50 8.11
CA SER B 229 -10.05 -2.57 8.39
C SER B 229 -8.90 -3.29 9.11
N ASP B 230 -9.22 -4.06 10.16
CA ASP B 230 -8.18 -4.82 10.85
C ASP B 230 -7.45 -5.77 9.89
N LEU B 231 -8.18 -6.46 9.02
CA LEU B 231 -7.54 -7.35 8.06
C LEU B 231 -6.64 -6.58 7.10
N TYR B 232 -7.13 -5.43 6.62
CA TYR B 232 -6.32 -4.59 5.72
C TYR B 232 -5.05 -4.12 6.40
N ARG B 233 -5.17 -3.67 7.65
CA ARG B 233 -4.05 -3.10 8.38
C ARG B 233 -3.00 -4.15 8.75
N ALA B 234 -3.36 -5.43 8.75
CA ALA B 234 -2.43 -6.47 9.15
C ALA B 234 -1.47 -6.90 8.04
N VAL B 235 -1.68 -6.48 6.79
CA VAL B 235 -0.86 -6.98 5.68
C VAL B 235 0.46 -6.21 5.64
N GLN B 236 1.57 -6.94 5.73
CA GLN B 236 2.90 -6.32 5.70
C GLN B 236 3.51 -6.41 4.30
N PRO B 237 4.46 -5.54 3.98
CA PRO B 237 5.08 -5.60 2.65
C PRO B 237 5.78 -6.91 2.37
N SER B 238 6.24 -7.61 3.40
CA SER B 238 6.87 -8.90 3.22
C SER B 238 5.94 -9.90 2.55
N GLU B 239 4.62 -9.70 2.65
CA GLU B 239 3.67 -10.58 1.98
C GLU B 239 3.48 -10.24 0.51
N LEU B 240 4.09 -9.16 0.04
CA LEU B 240 3.81 -8.60 -1.29
C LEU B 240 5.04 -8.59 -2.18
N VAL B 241 6.19 -8.16 -1.67
CA VAL B 241 7.37 -8.06 -2.52
C VAL B 241 7.77 -9.43 -3.05
N GLY B 242 8.25 -9.45 -4.29
CA GLY B 242 8.57 -10.72 -4.92
C GLY B 242 7.35 -11.50 -5.40
N SER B 243 6.16 -10.89 -5.38
CA SER B 243 4.90 -11.50 -5.81
C SER B 243 4.62 -12.82 -5.09
N VAL B 244 5.01 -12.90 -3.81
CA VAL B 244 5.03 -14.18 -3.13
C VAL B 244 3.63 -14.71 -2.86
N TRP B 245 2.60 -13.87 -2.87
CA TRP B 245 1.24 -14.36 -2.64
C TRP B 245 0.70 -15.16 -3.82
N THR B 246 1.39 -15.15 -4.96
CA THR B 246 1.01 -15.94 -6.13
C THR B 246 1.80 -17.22 -6.26
N LYS B 247 2.84 -17.42 -5.46
CA LYS B 247 3.77 -18.54 -5.65
C LYS B 247 3.39 -19.73 -4.77
N GLU B 248 4.16 -20.82 -4.93
CA GLU B 248 3.78 -22.08 -4.30
C GLU B 248 3.74 -21.99 -2.78
N ASP B 249 4.58 -21.14 -2.19
CA ASP B 249 4.61 -21.00 -0.73
C ASP B 249 3.73 -19.85 -0.23
N LYS B 250 2.69 -19.48 -0.99
CA LYS B 250 1.89 -18.32 -0.62
C LYS B 250 1.27 -18.45 0.77
N GLU B 251 0.88 -19.65 1.19
CA GLU B 251 0.27 -19.76 2.52
C GLU B 251 1.28 -19.46 3.62
N ILE B 252 2.57 -19.69 3.35
CA ILE B 252 3.61 -19.41 4.34
C ILE B 252 3.98 -17.93 4.33
N ASN B 253 4.09 -17.35 3.14
CA ASN B 253 4.64 -16.03 3.00
C ASN B 253 3.61 -14.91 3.02
N SER B 254 2.34 -15.21 2.73
CA SER B 254 1.32 -14.17 2.63
C SER B 254 0.05 -14.50 3.43
N PRO B 255 0.19 -14.97 4.69
CA PRO B 255 -1.01 -15.42 5.41
C PRO B 255 -2.00 -14.32 5.74
N ASN B 256 -1.54 -13.11 6.09
CA ASN B 256 -2.51 -12.05 6.41
C ASN B 256 -3.23 -11.57 5.15
N LEU B 257 -2.50 -11.44 4.05
CA LEU B 257 -3.17 -11.08 2.80
C LEU B 257 -4.23 -12.13 2.43
N LEU B 258 -3.87 -13.40 2.50
CA LEU B 258 -4.84 -14.43 2.09
C LEU B 258 -6.05 -14.46 3.04
N LYS B 259 -5.83 -14.25 4.34
N LYS B 259 -5.83 -14.25 4.34
CA LYS B 259 -6.96 -14.18 5.26
CA LYS B 259 -6.97 -14.18 5.25
C LYS B 259 -7.89 -13.04 4.87
C LYS B 259 -7.90 -13.03 4.87
N MET B 260 -7.32 -11.90 4.49
CA MET B 260 -8.14 -10.75 4.09
C MET B 260 -8.94 -11.06 2.83
N ILE B 261 -8.29 -11.64 1.82
CA ILE B 261 -9.01 -11.97 0.59
C ILE B 261 -10.08 -13.02 0.85
N ARG B 262 -9.77 -14.02 1.67
CA ARG B 262 -10.75 -15.07 1.90
C ARG B 262 -11.95 -14.55 2.69
N HIS B 263 -11.76 -13.58 3.58
CA HIS B 263 -12.90 -12.93 4.22
C HIS B 263 -13.79 -12.25 3.17
N THR B 264 -13.17 -11.48 2.28
CA THR B 264 -13.92 -10.79 1.23
C THR B 264 -14.71 -11.78 0.37
N THR B 265 -14.06 -12.87 -0.04
CA THR B 265 -14.74 -13.89 -0.84
C THR B 265 -15.90 -14.49 -0.08
N ASN B 266 -15.69 -14.82 1.19
CA ASN B 266 -16.75 -15.45 1.98
C ASN B 266 -17.95 -14.52 2.15
N LEU B 267 -17.72 -13.23 2.39
CA LEU B 267 -18.84 -12.30 2.53
C LEU B 267 -19.63 -12.17 1.23
N THR B 268 -18.92 -12.07 0.11
CA THR B 268 -19.60 -12.01 -1.19
C THR B 268 -20.47 -13.24 -1.39
N LEU B 269 -19.93 -14.43 -1.13
CA LEU B 269 -20.72 -15.65 -1.29
C LEU B 269 -21.87 -15.70 -0.30
N TRP B 270 -21.70 -15.18 0.91
CA TRP B 270 -22.82 -15.14 1.85
C TRP B 270 -23.94 -14.26 1.34
N PHE B 271 -23.61 -13.10 0.78
CA PHE B 271 -24.63 -12.24 0.18
C PHE B 271 -25.36 -12.98 -0.93
N GLU B 272 -24.62 -13.65 -1.82
CA GLU B 272 -25.27 -14.43 -2.88
C GLU B 272 -26.17 -15.51 -2.31
N LYS B 273 -25.68 -16.23 -1.28
CA LYS B 273 -26.47 -17.30 -0.68
C LYS B 273 -27.73 -16.76 -0.02
N CYS B 274 -27.62 -15.64 0.71
CA CYS B 274 -28.82 -15.06 1.31
C CYS B 274 -29.86 -14.72 0.26
N ILE B 275 -29.42 -14.23 -0.90
CA ILE B 275 -30.34 -13.82 -1.95
C ILE B 275 -31.01 -15.05 -2.58
N VAL B 276 -30.22 -15.99 -3.09
CA VAL B 276 -30.84 -17.06 -3.89
C VAL B 276 -31.52 -18.12 -3.03
N GLU B 277 -31.21 -18.23 -1.73
CA GLU B 277 -31.96 -19.14 -0.89
C GLU B 277 -33.25 -18.52 -0.35
N THR B 278 -33.52 -17.27 -0.68
CA THR B 278 -34.80 -16.64 -0.34
C THR B 278 -35.68 -16.81 -1.58
N GLU B 279 -36.50 -17.87 -1.58
CA GLU B 279 -37.22 -18.24 -2.81
C GLU B 279 -38.45 -17.36 -3.06
N ASN B 280 -39.12 -16.89 -2.01
CA ASN B 280 -40.23 -15.97 -2.18
C ASN B 280 -39.75 -14.64 -2.75
N LEU B 281 -40.39 -14.17 -3.83
CA LEU B 281 -39.92 -12.97 -4.51
C LEU B 281 -39.95 -11.75 -3.61
N GLU B 282 -41.08 -11.52 -2.91
CA GLU B 282 -41.17 -10.35 -2.04
C GLU B 282 -40.10 -10.38 -0.95
N GLU B 283 -39.88 -11.54 -0.33
CA GLU B 283 -38.82 -11.62 0.67
C GLU B 283 -37.45 -11.40 0.06
N ARG B 284 -37.23 -11.93 -1.15
CA ARG B 284 -35.92 -11.76 -1.79
C ARG B 284 -35.65 -10.30 -2.14
N VAL B 285 -36.68 -9.56 -2.53
CA VAL B 285 -36.53 -8.12 -2.73
C VAL B 285 -36.10 -7.44 -1.43
N ALA B 286 -36.69 -7.85 -0.30
CA ALA B 286 -36.28 -7.28 0.99
C ALA B 286 -34.83 -7.61 1.30
N VAL B 287 -34.39 -8.82 0.96
CA VAL B 287 -32.99 -9.20 1.19
C VAL B 287 -32.06 -8.34 0.35
N VAL B 288 -32.33 -8.22 -0.94
CA VAL B 288 -31.46 -7.42 -1.81
C VAL B 288 -31.46 -5.96 -1.37
N SER B 289 -32.64 -5.44 -1.04
N SER B 289 -32.63 -5.43 -1.05
CA SER B 289 -32.73 -4.05 -0.58
CA SER B 289 -32.71 -4.04 -0.58
C SER B 289 -31.90 -3.82 0.68
C SER B 289 -31.89 -3.83 0.67
N ARG B 290 -31.91 -4.79 1.59
CA ARG B 290 -31.13 -4.66 2.81
C ARG B 290 -29.62 -4.67 2.50
N ILE B 291 -29.20 -5.51 1.56
CA ILE B 291 -27.78 -5.54 1.20
C ILE B 291 -27.35 -4.21 0.58
N ILE B 292 -28.24 -3.59 -0.22
CA ILE B 292 -27.91 -2.29 -0.80
C ILE B 292 -27.84 -1.21 0.29
N GLU B 293 -28.66 -1.33 1.34
CA GLU B 293 -28.52 -0.39 2.46
C GLU B 293 -27.18 -0.58 3.18
N ILE B 294 -26.75 -1.83 3.36
CA ILE B 294 -25.43 -2.06 3.93
C ILE B 294 -24.36 -1.43 3.05
N LEU B 295 -24.50 -1.58 1.73
N LEU B 295 -24.50 -1.60 1.73
CA LEU B 295 -23.58 -0.94 0.80
CA LEU B 295 -23.62 -0.94 0.77
C LEU B 295 -23.55 0.57 0.98
C LEU B 295 -23.56 0.55 1.03
N GLN B 296 -24.72 1.18 1.22
CA GLN B 296 -24.77 2.63 1.44
C GLN B 296 -23.95 3.03 2.65
N VAL B 297 -24.02 2.25 3.73
CA VAL B 297 -23.24 2.58 4.93
C VAL B 297 -21.75 2.32 4.68
N PHE B 298 -21.43 1.25 3.95
CA PHE B 298 -20.03 1.04 3.53
C PHE B 298 -19.49 2.27 2.81
N GLN B 299 -20.28 2.83 1.87
CA GLN B 299 -19.85 4.03 1.18
C GLN B 299 -19.62 5.18 2.14
N GLU B 300 -20.54 5.36 3.09
CA GLU B 300 -20.39 6.45 4.06
C GLU B 300 -19.15 6.28 4.91
N LEU B 301 -18.76 5.04 5.18
CA LEU B 301 -17.57 4.72 5.98
C LEU B 301 -16.29 4.64 5.16
N ASN B 302 -16.35 4.91 3.85
CA ASN B 302 -15.19 4.73 2.96
C ASN B 302 -14.65 3.30 3.03
N ASN B 303 -15.51 2.31 3.24
CA ASN B 303 -15.05 0.92 3.20
C ASN B 303 -15.24 0.44 1.77
N PHE B 304 -14.22 0.65 0.94
CA PHE B 304 -14.34 0.31 -0.47
C PHE B 304 -14.27 -1.20 -0.69
N ASN B 305 -13.52 -1.92 0.16
CA ASN B 305 -13.57 -3.37 0.12
C ASN B 305 -15.01 -3.87 0.29
N GLY B 306 -15.72 -3.32 1.28
CA GLY B 306 -17.11 -3.69 1.50
C GLY B 306 -18.02 -3.31 0.34
N VAL B 307 -17.84 -2.11 -0.20
CA VAL B 307 -18.60 -1.71 -1.39
C VAL B 307 -18.44 -2.75 -2.49
N LEU B 308 -17.21 -3.15 -2.77
CA LEU B 308 -17.00 -4.08 -3.88
C LEU B 308 -17.42 -5.49 -3.55
N GLU B 309 -17.40 -5.89 -2.26
CA GLU B 309 -17.97 -7.17 -1.87
C GLU B 309 -19.43 -7.25 -2.28
N VAL B 310 -20.17 -6.15 -2.07
CA VAL B 310 -21.59 -6.14 -2.43
C VAL B 310 -21.74 -6.13 -3.95
N VAL B 311 -21.01 -5.24 -4.62
CA VAL B 311 -21.10 -5.14 -6.08
C VAL B 311 -20.77 -6.48 -6.73
N SER B 312 -19.70 -7.15 -6.27
CA SER B 312 -19.35 -8.46 -6.81
C SER B 312 -20.48 -9.47 -6.63
N ALA B 313 -21.18 -9.43 -5.49
CA ALA B 313 -22.30 -10.36 -5.29
C ALA B 313 -23.43 -10.04 -6.25
N MET B 314 -23.75 -8.76 -6.43
CA MET B 314 -24.86 -8.39 -7.31
C MET B 314 -24.56 -8.67 -8.77
N ASN B 315 -23.28 -8.71 -9.15
CA ASN B 315 -22.93 -9.02 -10.51
C ASN B 315 -22.51 -10.47 -10.71
N SER B 316 -22.66 -11.31 -9.68
CA SER B 316 -22.37 -12.72 -9.84
C SER B 316 -23.40 -13.35 -10.77
N SER B 317 -23.00 -14.47 -11.42
CA SER B 317 -23.94 -15.13 -12.33
CA SER B 317 -23.95 -15.09 -12.34
C SER B 317 -25.26 -15.50 -11.66
N PRO B 318 -25.30 -16.01 -10.43
CA PRO B 318 -26.61 -16.35 -9.83
C PRO B 318 -27.51 -15.15 -9.59
N VAL B 319 -26.95 -14.01 -9.22
CA VAL B 319 -27.78 -12.87 -8.84
C VAL B 319 -28.10 -11.98 -10.04
N TYR B 320 -27.11 -11.78 -10.91
CA TYR B 320 -27.25 -10.84 -12.01
C TYR B 320 -28.47 -11.12 -12.86
N ARG B 321 -28.84 -12.38 -13.02
CA ARG B 321 -29.93 -12.76 -13.91
C ARG B 321 -31.31 -12.63 -13.28
N LEU B 322 -31.42 -12.16 -12.03
CA LEU B 322 -32.71 -12.15 -11.32
C LEU B 322 -33.50 -10.88 -11.68
N ASP B 323 -33.96 -10.84 -12.93
CA ASP B 323 -34.63 -9.66 -13.46
C ASP B 323 -35.91 -9.32 -12.69
N HIS B 324 -36.66 -10.34 -12.26
CA HIS B 324 -37.89 -10.06 -11.51
C HIS B 324 -37.59 -9.39 -10.18
N THR B 325 -36.48 -9.76 -9.55
CA THR B 325 -36.08 -9.15 -8.29
C THR B 325 -35.62 -7.71 -8.53
N PHE B 326 -34.77 -7.52 -9.53
CA PHE B 326 -34.25 -6.18 -9.82
C PHE B 326 -35.39 -5.21 -10.12
N GLU B 327 -36.41 -5.68 -10.82
CA GLU B 327 -37.52 -4.79 -11.20
C GLU B 327 -38.19 -4.17 -9.99
N GLN B 328 -38.26 -4.89 -8.87
CA GLN B 328 -38.96 -4.37 -7.70
C GLN B 328 -38.07 -3.59 -6.74
N ILE B 329 -36.78 -3.46 -7.03
CA ILE B 329 -35.92 -2.66 -6.13
C ILE B 329 -36.28 -1.19 -6.26
N PRO B 330 -36.51 -0.47 -5.16
CA PRO B 330 -36.82 0.97 -5.26
C PRO B 330 -35.77 1.71 -6.08
N SER B 331 -36.23 2.73 -6.81
CA SER B 331 -35.33 3.44 -7.72
CA SER B 331 -35.33 3.44 -7.72
C SER B 331 -34.17 4.09 -6.99
N ARG B 332 -34.38 4.57 -5.77
CA ARG B 332 -33.25 5.21 -5.09
C ARG B 332 -32.17 4.19 -4.76
N GLN B 333 -32.55 2.94 -4.54
CA GLN B 333 -31.56 1.90 -4.27
C GLN B 333 -30.92 1.37 -5.54
N LYS B 334 -31.67 1.32 -6.64
CA LYS B 334 -31.04 1.06 -7.93
C LYS B 334 -29.93 2.07 -8.20
N LYS B 335 -30.18 3.34 -7.89
CA LYS B 335 -29.16 4.35 -8.17
C LYS B 335 -27.95 4.19 -7.26
N ILE B 336 -28.15 3.78 -6.00
CA ILE B 336 -27.02 3.55 -5.11
C ILE B 336 -26.16 2.42 -5.64
N LEU B 337 -26.79 1.34 -6.09
CA LEU B 337 -26.04 0.20 -6.60
C LEU B 337 -25.32 0.55 -7.89
N GLU B 338 -25.99 1.28 -8.79
CA GLU B 338 -25.36 1.62 -10.06
C GLU B 338 -24.17 2.55 -9.86
N GLU B 339 -24.30 3.54 -8.97
CA GLU B 339 -23.16 4.42 -8.71
C GLU B 339 -21.99 3.62 -8.15
N ALA B 340 -22.27 2.65 -7.27
CA ALA B 340 -21.19 1.81 -6.73
C ALA B 340 -20.57 0.96 -7.83
N HIS B 341 -21.39 0.39 -8.71
CA HIS B 341 -20.86 -0.39 -9.82
C HIS B 341 -19.96 0.46 -10.71
N GLU B 342 -20.34 1.72 -10.94
CA GLU B 342 -19.55 2.58 -11.81
C GLU B 342 -18.17 2.86 -11.25
N LEU B 343 -17.94 2.67 -9.95
CA LEU B 343 -16.59 2.80 -9.42
C LEU B 343 -15.60 1.85 -10.08
N SER B 344 -16.06 0.65 -10.47
CA SER B 344 -15.15 -0.35 -11.03
CA SER B 344 -15.16 -0.36 -11.03
C SER B 344 -14.98 -0.24 -12.54
N GLU B 345 -15.86 0.49 -13.21
CA GLU B 345 -15.81 0.55 -14.67
C GLU B 345 -14.54 1.24 -15.14
N ASP B 346 -14.18 0.95 -16.39
CA ASP B 346 -13.00 1.53 -17.04
C ASP B 346 -11.75 1.34 -16.17
N HIS B 347 -11.51 0.09 -15.77
CA HIS B 347 -10.32 -0.25 -14.99
C HIS B 347 -10.23 0.59 -13.71
N TYR B 348 -11.38 0.67 -13.02
CA TYR B 348 -11.48 1.31 -11.70
C TYR B 348 -11.18 2.79 -11.73
N LYS B 349 -11.44 3.45 -12.87
CA LYS B 349 -11.11 4.86 -12.98
C LYS B 349 -11.75 5.69 -11.85
N LYS B 350 -13.06 5.54 -11.63
CA LYS B 350 -13.73 6.36 -10.63
C LYS B 350 -13.36 5.95 -9.21
N TYR B 351 -13.14 4.64 -8.99
CA TYR B 351 -12.65 4.20 -7.68
C TYR B 351 -11.33 4.86 -7.33
N LEU B 352 -10.38 4.84 -8.25
CA LEU B 352 -9.05 5.39 -7.94
C LEU B 352 -9.14 6.86 -7.61
N ALA B 353 -9.96 7.60 -8.36
CA ALA B 353 -10.15 9.02 -8.07
C ALA B 353 -10.83 9.22 -6.72
N LYS B 354 -11.81 8.37 -6.39
CA LYS B 354 -12.52 8.56 -5.13
C LYS B 354 -11.63 8.23 -3.94
N LEU B 355 -10.84 7.16 -4.04
CA LEU B 355 -9.91 6.81 -2.96
C LEU B 355 -8.98 7.98 -2.64
N ARG B 356 -8.47 8.63 -3.68
CA ARG B 356 -7.52 9.72 -3.53
C ARG B 356 -8.18 11.02 -3.11
N SER B 357 -9.50 11.06 -3.02
CA SER B 357 -10.19 12.28 -2.63
C SER B 357 -10.80 12.22 -1.22
N ILE B 358 -11.03 11.03 -0.65
CA ILE B 358 -11.78 10.97 0.60
C ILE B 358 -10.88 11.33 1.78
N ASN B 359 -11.51 11.53 2.93
CA ASN B 359 -10.83 11.76 4.19
C ASN B 359 -10.77 10.42 4.92
N PRO B 360 -9.59 9.84 5.13
CA PRO B 360 -9.50 8.56 5.85
C PRO B 360 -10.02 8.73 7.27
N PRO B 361 -10.34 7.62 7.96
CA PRO B 361 -10.03 6.22 7.62
C PRO B 361 -10.84 5.67 6.45
N CYS B 362 -10.25 4.69 5.77
CA CYS B 362 -10.91 3.99 4.68
C CYS B 362 -10.38 2.57 4.67
N VAL B 363 -11.06 1.69 3.92
CA VAL B 363 -10.55 0.36 3.63
C VAL B 363 -10.44 0.23 2.12
N PRO B 364 -9.24 0.33 1.57
CA PRO B 364 -9.06 0.17 0.13
C PRO B 364 -9.39 -1.24 -0.34
N PHE B 365 -9.71 -1.33 -1.62
CA PHE B 365 -9.73 -2.63 -2.30
C PHE B 365 -8.30 -3.06 -2.62
N PHE B 366 -7.86 -4.20 -2.09
CA PHE B 366 -6.45 -4.59 -2.23
C PHE B 366 -6.12 -5.11 -3.64
N GLY B 367 -7.10 -5.62 -4.39
CA GLY B 367 -6.77 -6.33 -5.61
C GLY B 367 -6.02 -5.51 -6.64
N ILE B 368 -6.33 -4.22 -6.74
CA ILE B 368 -5.63 -3.36 -7.70
C ILE B 368 -4.16 -3.26 -7.36
N TYR B 369 -3.85 -3.13 -6.07
CA TYR B 369 -2.45 -3.09 -5.64
C TYR B 369 -1.72 -4.37 -6.02
N LEU B 370 -2.39 -5.52 -5.85
CA LEU B 370 -1.75 -6.79 -6.16
C LEU B 370 -1.42 -6.89 -7.64
N THR B 371 -2.38 -6.55 -8.49
CA THR B 371 -2.11 -6.59 -9.93
C THR B 371 -0.98 -5.64 -10.31
N ASN B 372 -0.96 -4.44 -9.73
CA ASN B 372 0.10 -3.49 -10.09
C ASN B 372 1.47 -3.92 -9.57
N ILE B 373 1.55 -4.51 -8.38
CA ILE B 373 2.84 -5.02 -7.90
C ILE B 373 3.31 -6.16 -8.80
N LEU B 374 2.41 -7.10 -9.11
N LEU B 374 2.41 -7.10 -9.10
CA LEU B 374 2.79 -8.25 -9.92
CA LEU B 374 2.80 -8.25 -9.92
C LEU B 374 3.28 -7.82 -11.31
C LEU B 374 3.29 -7.80 -11.30
N LYS B 375 2.54 -6.91 -11.95
CA LYS B 375 2.91 -6.49 -13.30
C LYS B 375 4.18 -5.63 -13.31
N THR B 376 4.38 -4.82 -12.27
CA THR B 376 5.66 -4.09 -12.16
C THR B 376 6.82 -5.07 -12.05
N GLU B 377 6.66 -6.13 -11.24
CA GLU B 377 7.76 -7.07 -11.09
CA GLU B 377 7.73 -7.11 -11.07
C GLU B 377 7.98 -7.89 -12.36
N GLU B 378 6.90 -8.28 -13.04
CA GLU B 378 7.02 -9.12 -14.21
C GLU B 378 7.45 -8.33 -15.44
N GLY B 379 7.15 -7.04 -15.48
CA GLY B 379 7.33 -6.25 -16.68
C GLY B 379 8.59 -5.44 -16.73
N ASN B 380 9.47 -5.55 -15.74
CA ASN B 380 10.72 -4.80 -15.70
C ASN B 380 11.87 -5.74 -15.36
N PRO B 381 13.04 -5.53 -15.95
CA PRO B 381 14.17 -6.44 -15.69
C PRO B 381 14.83 -6.18 -14.34
N GLU B 382 15.38 -7.25 -13.76
CA GLU B 382 16.10 -7.13 -12.50
C GLU B 382 17.37 -6.31 -12.66
N VAL B 383 18.05 -6.40 -13.79
CA VAL B 383 19.30 -5.67 -13.98
C VAL B 383 19.26 -4.90 -15.29
N LEU B 384 20.08 -3.86 -15.35
CA LEU B 384 20.36 -3.15 -16.60
C LEU B 384 21.82 -3.37 -16.96
N LYS B 385 22.08 -3.71 -18.22
CA LYS B 385 23.44 -3.96 -18.69
C LYS B 385 23.99 -2.69 -19.32
N ARG B 386 25.10 -2.19 -18.76
CA ARG B 386 25.71 -0.94 -19.20
C ARG B 386 27.22 -1.11 -19.17
N HIS B 387 27.87 -0.88 -20.32
CA HIS B 387 29.33 -0.92 -20.42
C HIS B 387 29.90 -2.25 -19.92
N GLY B 388 29.23 -3.34 -20.27
CA GLY B 388 29.64 -4.66 -19.84
C GLY B 388 29.34 -5.01 -18.39
N LYS B 389 28.79 -4.08 -17.61
CA LYS B 389 28.47 -4.32 -16.21
C LYS B 389 26.98 -4.58 -16.06
N GLU B 390 26.61 -5.35 -15.05
CA GLU B 390 25.21 -5.52 -14.69
C GLU B 390 24.92 -4.64 -13.48
N LEU B 391 24.02 -3.69 -13.65
CA LEU B 391 23.61 -2.80 -12.57
C LEU B 391 22.23 -3.21 -12.07
N ILE B 392 22.01 -3.11 -10.76
CA ILE B 392 20.69 -3.37 -10.21
C ILE B 392 19.72 -2.33 -10.74
N ASN B 393 18.60 -2.78 -11.32
CA ASN B 393 17.56 -1.87 -11.79
C ASN B 393 16.78 -1.37 -10.58
N PHE B 394 17.18 -0.24 -10.03
CA PHE B 394 16.53 0.24 -8.82
C PHE B 394 15.20 0.95 -9.11
N SER B 395 15.05 1.54 -10.30
N SER B 395 15.06 1.52 -10.30
CA SER B 395 13.78 2.15 -10.65
CA SER B 395 13.78 2.15 -10.66
C SER B 395 12.62 1.17 -10.50
C SER B 395 12.62 1.17 -10.51
N LYS B 396 12.85 -0.10 -10.85
CA LYS B 396 11.82 -1.12 -10.69
C LYS B 396 11.44 -1.30 -9.22
N ARG B 397 12.43 -1.30 -8.34
CA ARG B 397 12.17 -1.44 -6.91
C ARG B 397 11.45 -0.21 -6.36
N ARG B 398 11.83 0.98 -6.83
CA ARG B 398 11.14 2.18 -6.40
C ARG B 398 9.65 2.13 -6.77
N LYS B 399 9.33 1.64 -7.97
CA LYS B 399 7.93 1.52 -8.37
C LYS B 399 7.15 0.58 -7.45
N VAL B 400 7.75 -0.55 -7.10
CA VAL B 400 7.08 -1.46 -6.15
C VAL B 400 6.89 -0.79 -4.80
N ALA B 401 7.91 -0.10 -4.31
CA ALA B 401 7.81 0.54 -3.01
C ALA B 401 6.87 1.74 -3.01
N GLU B 402 6.63 2.35 -4.17
CA GLU B 402 5.61 3.38 -4.22
CA GLU B 402 5.60 3.38 -4.23
C GLU B 402 4.23 2.78 -3.95
N ILE B 403 4.00 1.56 -4.44
CA ILE B 403 2.73 0.90 -4.18
C ILE B 403 2.63 0.45 -2.72
N THR B 404 3.68 -0.20 -2.19
CA THR B 404 3.61 -0.60 -0.79
C THR B 404 3.50 0.62 0.13
N GLY B 405 4.09 1.75 -0.26
CA GLY B 405 3.96 2.96 0.54
C GLY B 405 2.53 3.50 0.54
N GLU B 406 1.84 3.41 -0.61
N GLU B 406 1.85 3.43 -0.61
CA GLU B 406 0.45 3.84 -0.68
CA GLU B 406 0.45 3.84 -0.63
C GLU B 406 -0.45 2.94 0.17
C GLU B 406 -0.38 2.95 0.27
N ILE B 407 -0.18 1.63 0.16
CA ILE B 407 -0.88 0.70 1.04
C ILE B 407 -0.68 1.09 2.50
N GLN B 408 0.57 1.31 2.89
CA GLN B 408 0.87 1.63 4.29
C GLN B 408 0.24 2.95 4.71
N GLN B 409 0.16 3.92 3.80
CA GLN B 409 -0.42 5.21 4.19
C GLN B 409 -1.86 5.04 4.64
N TYR B 410 -2.64 4.17 3.98
CA TYR B 410 -4.02 3.95 4.40
C TYR B 410 -4.15 2.99 5.57
N GLN B 411 -3.06 2.36 6.02
CA GLN B 411 -3.10 1.48 7.18
C GLN B 411 -2.99 2.23 8.50
N ASN B 412 -2.73 3.55 8.46
CA ASN B 412 -2.41 4.24 9.70
C ASN B 412 -3.65 4.65 10.49
N GLN B 413 -4.71 5.05 9.81
CA GLN B 413 -5.83 5.74 10.45
C GLN B 413 -6.84 4.74 10.99
N PRO B 414 -7.14 4.75 12.28
CA PRO B 414 -8.10 3.80 12.85
C PRO B 414 -9.52 4.34 12.79
N TYR B 415 -10.48 3.41 12.72
CA TYR B 415 -11.88 3.80 12.75
C TYR B 415 -12.36 4.09 14.17
N CYS B 416 -13.15 5.16 14.30
CA CYS B 416 -13.77 5.50 15.59
C CYS B 416 -15.15 4.85 15.67
N LEU B 417 -15.11 3.52 15.82
CA LEU B 417 -16.30 2.70 15.93
C LEU B 417 -16.07 1.67 17.04
N ARG B 418 -17.11 1.38 17.81
CA ARG B 418 -17.01 0.44 18.91
C ARG B 418 -17.23 -0.98 18.41
N VAL B 419 -16.36 -1.90 18.84
CA VAL B 419 -16.54 -3.31 18.52
C VAL B 419 -17.70 -3.88 19.31
N GLU B 420 -18.54 -4.69 18.65
CA GLU B 420 -19.53 -5.52 19.33
C GLU B 420 -19.04 -6.96 19.19
N SER B 421 -18.59 -7.55 20.30
N SER B 421 -18.59 -7.56 20.30
CA SER B 421 -17.86 -8.81 20.23
CA SER B 421 -17.83 -8.81 20.19
C SER B 421 -18.69 -9.95 19.63
C SER B 421 -18.69 -9.96 19.64
N ASP B 422 -19.99 -9.98 19.94
CA ASP B 422 -20.84 -11.04 19.41
C ASP B 422 -21.10 -10.88 17.91
N ILE B 423 -21.35 -9.65 17.46
CA ILE B 423 -21.53 -9.44 16.02
C ILE B 423 -20.22 -9.71 15.29
N LYS B 424 -19.10 -9.29 15.88
N LYS B 424 -19.10 -9.27 15.88
CA LYS B 424 -17.79 -9.58 15.30
CA LYS B 424 -17.79 -9.58 15.32
C LYS B 424 -17.60 -11.09 15.15
C LYS B 424 -17.60 -11.08 15.14
N ARG B 425 -17.90 -11.86 16.19
CA ARG B 425 -17.73 -13.31 16.12
C ARG B 425 -18.64 -13.92 15.06
N PHE B 426 -19.87 -13.43 14.95
CA PHE B 426 -20.80 -13.92 13.94
C PHE B 426 -20.20 -13.79 12.54
N PHE B 427 -19.61 -12.63 12.23
CA PHE B 427 -19.04 -12.49 10.89
C PHE B 427 -17.70 -13.19 10.75
N GLU B 428 -16.93 -13.31 11.84
CA GLU B 428 -15.70 -14.09 11.75
C GLU B 428 -15.97 -15.56 11.45
N ASN B 429 -17.09 -16.09 11.93
CA ASN B 429 -17.41 -17.51 11.79
C ASN B 429 -18.32 -17.81 10.61
N LEU B 430 -18.68 -16.82 9.81
CA LEU B 430 -19.48 -17.03 8.61
C LEU B 430 -18.80 -18.05 7.70
N ASN B 431 -19.56 -19.03 7.23
CA ASN B 431 -19.00 -20.09 6.38
C ASN B 431 -20.06 -20.56 5.40
N PRO B 432 -20.41 -19.71 4.42
CA PRO B 432 -21.53 -20.07 3.52
C PRO B 432 -21.29 -21.35 2.74
N MET B 433 -20.05 -21.68 2.39
CA MET B 433 -19.78 -22.88 1.62
CA MET B 433 -19.79 -22.89 1.62
C MET B 433 -19.88 -24.16 2.46
N GLY B 434 -19.82 -24.04 3.78
CA GLY B 434 -19.87 -25.27 4.58
C GLY B 434 -18.70 -26.17 4.25
N ASN B 435 -18.97 -27.47 4.12
CA ASN B 435 -17.93 -28.42 3.74
C ASN B 435 -17.81 -28.61 2.23
N SER B 436 -18.58 -27.86 1.44
CA SER B 436 -18.60 -28.06 0.00
C SER B 436 -17.37 -27.45 -0.66
N MET B 437 -16.95 -28.08 -1.75
CA MET B 437 -15.91 -27.47 -2.57
C MET B 437 -16.50 -26.31 -3.40
N GLU B 438 -15.60 -25.48 -3.93
CA GLU B 438 -16.03 -24.24 -4.59
C GLU B 438 -16.96 -24.50 -5.77
N LYS B 439 -16.58 -25.42 -6.67
CA LYS B 439 -17.41 -25.62 -7.86
C LYS B 439 -18.79 -26.15 -7.48
N GLU B 440 -18.82 -27.13 -6.57
CA GLU B 440 -20.07 -27.68 -6.08
C GLU B 440 -20.97 -26.58 -5.50
N PHE B 441 -20.38 -25.67 -4.71
CA PHE B 441 -21.16 -24.62 -4.08
C PHE B 441 -21.63 -23.58 -5.10
N THR B 442 -20.76 -23.14 -5.99
CA THR B 442 -21.21 -22.10 -6.92
C THR B 442 -22.21 -22.67 -7.95
N ASP B 443 -22.11 -23.96 -8.28
CA ASP B 443 -23.15 -24.59 -9.09
C ASP B 443 -24.46 -24.68 -8.32
N TYR B 444 -24.39 -24.93 -7.02
CA TYR B 444 -25.60 -24.93 -6.20
C TYR B 444 -26.29 -23.58 -6.24
N LEU B 445 -25.51 -22.50 -6.08
CA LEU B 445 -26.10 -21.15 -6.11
C LEU B 445 -26.74 -20.86 -7.45
N PHE B 446 -26.10 -21.26 -8.54
CA PHE B 446 -26.67 -21.01 -9.85
C PHE B 446 -27.94 -21.84 -10.07
N ASN B 447 -27.93 -23.08 -9.59
CA ASN B 447 -29.14 -23.89 -9.72
C ASN B 447 -30.28 -23.34 -8.88
N LYS B 448 -29.98 -22.76 -7.71
CA LYS B 448 -31.03 -22.08 -6.96
C LYS B 448 -31.58 -20.90 -7.73
N SER B 449 -30.69 -20.12 -8.38
CA SER B 449 -31.14 -19.01 -9.20
C SER B 449 -32.11 -19.47 -10.28
N LEU B 450 -31.77 -20.56 -10.98
CA LEU B 450 -32.65 -21.11 -12.00
C LEU B 450 -33.97 -21.58 -11.42
N GLU B 451 -33.93 -22.12 -10.19
CA GLU B 451 -35.17 -22.56 -9.56
C GLU B 451 -36.11 -21.40 -9.28
N ILE B 452 -35.58 -20.32 -8.69
CA ILE B 452 -36.44 -19.25 -8.21
C ILE B 452 -36.88 -18.31 -9.34
N GLU B 453 -36.09 -18.18 -10.40
CA GLU B 453 -36.47 -17.38 -11.57
C GLU B 453 -36.04 -18.15 -12.80
N PRO B 454 -36.88 -19.07 -13.28
CA PRO B 454 -36.50 -19.92 -14.40
C PRO B 454 -36.24 -19.13 -15.68
N ARG B 455 -35.41 -19.71 -16.55
N ARG B 455 -35.40 -19.70 -16.54
CA ARG B 455 -35.15 -19.12 -17.86
CA ARG B 455 -35.14 -19.12 -17.85
C ARG B 455 -36.44 -19.04 -18.66
C ARG B 455 -36.44 -19.04 -18.66
N ASN B 456 -36.63 -17.91 -19.33
CA ASN B 456 -37.75 -17.79 -20.25
C ASN B 456 -37.64 -18.88 -21.32
N PRO B 457 -38.77 -19.44 -21.80
CA PRO B 457 -40.14 -19.04 -21.48
C PRO B 457 -40.79 -19.84 -20.34
N LYS B 458 -40.01 -20.48 -19.49
CA LYS B 458 -40.59 -21.18 -18.36
C LYS B 458 -41.29 -20.17 -17.45
N PRO B 459 -42.46 -20.53 -16.91
CA PRO B 459 -43.20 -19.58 -16.07
C PRO B 459 -42.53 -19.36 -14.73
N LEU B 460 -42.78 -18.18 -14.17
CA LEU B 460 -42.26 -17.85 -12.85
C LEU B 460 -43.11 -18.52 -11.78
N PRO B 461 -42.54 -19.40 -10.96
CA PRO B 461 -43.32 -20.02 -9.89
C PRO B 461 -43.51 -19.09 -8.71
N ARG B 462 -44.37 -19.51 -7.79
CA ARG B 462 -44.56 -18.86 -6.50
C ARG B 462 -43.92 -19.73 -5.42
N PHE B 463 -43.43 -19.10 -4.37
CA PHE B 463 -42.79 -19.84 -3.28
C PHE B 463 -43.29 -19.31 -1.94
N PRO B 464 -43.36 -20.17 -0.93
CA PRO B 464 -43.80 -19.69 0.40
C PRO B 464 -42.75 -18.82 1.08
N LYS B 465 -43.23 -17.97 1.99
CA LYS B 465 -42.35 -17.15 2.81
C LYS B 465 -41.54 -18.03 3.76
N LYS B 466 -40.34 -17.57 4.10
CA LYS B 466 -39.48 -18.28 5.03
C LYS B 466 -39.17 -17.49 6.30
N TYR B 467 -39.39 -16.18 6.33
CA TYR B 467 -39.08 -15.36 7.50
C TYR B 467 -40.35 -15.09 8.29
N SER B 468 -40.29 -15.28 9.61
CA SER B 468 -41.45 -15.06 10.46
C SER B 468 -41.46 -13.68 11.13
N TYR B 469 -40.40 -12.91 10.98
CA TYR B 469 -40.28 -11.60 11.57
C TYR B 469 -40.51 -10.52 10.53
N PRO B 470 -40.72 -9.26 10.95
CA PRO B 470 -41.00 -8.20 9.97
C PRO B 470 -39.81 -7.99 9.03
N LEU B 471 -40.12 -7.75 7.75
CA LEU B 471 -39.10 -7.48 6.75
C LEU B 471 -38.78 -6.01 6.60
N LYS B 472 -39.53 -5.12 7.24
CA LYS B 472 -39.30 -3.69 7.06
C LYS B 472 -37.93 -3.30 7.61
N SER B 473 -37.15 -2.60 6.81
CA SER B 473 -35.84 -2.17 7.26
C SER B 473 -35.98 -1.02 8.27
N PRO B 474 -35.12 -0.96 9.29
CA PRO B 474 -35.09 0.22 10.15
C PRO B 474 -34.37 1.39 9.50
N GLY B 475 -33.80 1.20 8.30
CA GLY B 475 -33.08 2.27 7.61
C GLY B 475 -31.65 2.38 8.07
N VAL B 476 -30.92 3.30 7.43
CA VAL B 476 -29.49 3.43 7.69
C VAL B 476 -29.10 4.82 8.20
N ARG B 477 -30.08 5.61 8.64
N ARG B 477 -30.06 5.59 8.65
CA ARG B 477 -29.76 6.84 9.37
CA ARG B 477 -29.69 6.82 9.34
C ARG B 477 -29.58 6.51 10.85
C ARG B 477 -29.59 6.54 10.84
N PRO B 478 -28.48 6.92 11.48
CA PRO B 478 -28.28 6.55 12.88
C PRO B 478 -29.19 7.31 13.83
N SER B 479 -29.44 6.68 14.98
CA SER B 479 -30.25 7.24 16.04
C SER B 479 -29.35 7.66 17.19
N ASN B 480 -29.85 8.58 18.01
CA ASN B 480 -29.04 9.10 19.11
C ASN B 480 -29.95 9.52 20.27
N PRO B 481 -30.32 8.58 21.14
CA PRO B 481 -30.89 8.94 22.45
C PRO B 481 -29.86 9.57 23.34
N ARG B 482 -30.32 10.15 24.44
CA ARG B 482 -29.42 10.87 25.32
C ARG B 482 -28.47 9.93 26.07
N GLY C 1 -16.21 6.02 -34.55
CA GLY C 1 -14.97 5.84 -35.27
C GLY C 1 -14.53 4.38 -35.36
N MET C 2 -13.36 4.09 -34.82
CA MET C 2 -12.83 2.74 -34.91
C MET C 2 -13.42 1.85 -33.84
N THR C 3 -13.50 0.56 -34.13
CA THR C 3 -14.08 -0.39 -33.21
C THR C 3 -13.13 -0.62 -32.03
N GLU C 4 -13.71 -0.73 -30.84
CA GLU C 4 -12.98 -1.11 -29.65
C GLU C 4 -13.37 -2.53 -29.26
N TYR C 5 -12.37 -3.38 -28.99
CA TYR C 5 -12.62 -4.75 -28.56
C TYR C 5 -12.20 -4.88 -27.10
N LYS C 6 -13.12 -5.34 -26.27
CA LYS C 6 -12.85 -5.55 -24.85
C LYS C 6 -12.45 -7.02 -24.68
N LEU C 7 -11.17 -7.25 -24.42
CA LEU C 7 -10.63 -8.60 -24.27
C LEU C 7 -10.31 -8.86 -22.81
N VAL C 8 -10.49 -10.10 -22.38
CA VAL C 8 -10.27 -10.51 -21.00
C VAL C 8 -9.33 -11.71 -20.99
N VAL C 9 -8.25 -11.61 -20.20
CA VAL C 9 -7.28 -12.69 -20.01
C VAL C 9 -7.67 -13.45 -18.75
N VAL C 10 -7.85 -14.77 -18.87
CA VAL C 10 -8.17 -15.59 -17.70
C VAL C 10 -7.22 -16.77 -17.63
N GLY C 11 -7.01 -17.29 -16.43
CA GLY C 11 -6.15 -18.45 -16.28
C GLY C 11 -5.52 -18.49 -14.90
N ALA C 12 -4.91 -19.63 -14.61
CA ALA C 12 -4.30 -19.86 -13.29
C ALA C 12 -3.24 -18.82 -12.98
N GLY C 13 -3.12 -18.49 -11.70
CA GLY C 13 -2.10 -17.57 -11.27
C GLY C 13 -0.76 -18.24 -11.03
N GLY C 14 0.27 -17.42 -10.81
CA GLY C 14 1.57 -17.89 -10.39
C GLY C 14 2.40 -18.56 -11.47
N VAL C 15 1.97 -18.51 -12.72
CA VAL C 15 2.68 -19.21 -13.78
C VAL C 15 2.90 -18.33 -15.01
N GLY C 16 3.08 -17.03 -14.79
CA GLY C 16 3.53 -16.13 -15.86
C GLY C 16 2.47 -15.61 -16.80
N LYS C 17 1.18 -15.79 -16.48
CA LYS C 17 0.09 -15.31 -17.32
C LYS C 17 0.23 -13.84 -17.73
N SER C 18 0.69 -12.98 -16.80
CA SER C 18 0.73 -11.54 -17.06
C SER C 18 1.69 -11.16 -18.18
N ALA C 19 2.64 -12.04 -18.52
CA ALA C 19 3.62 -11.68 -19.55
C ALA C 19 2.97 -11.51 -20.92
N LEU C 20 1.85 -12.18 -21.15
N LEU C 20 1.82 -12.14 -21.15
CA LEU C 20 1.15 -12.06 -22.43
CA LEU C 20 1.17 -12.06 -22.44
C LEU C 20 0.81 -10.60 -22.74
C LEU C 20 0.78 -10.62 -22.76
N THR C 21 0.02 -9.98 -21.87
CA THR C 21 -0.45 -8.62 -22.14
C THR C 21 0.68 -7.61 -22.02
N ILE C 22 1.57 -7.80 -21.04
CA ILE C 22 2.73 -6.92 -20.89
C ILE C 22 3.53 -6.88 -22.19
N GLN C 23 3.80 -8.05 -22.77
CA GLN C 23 4.62 -8.08 -23.99
C GLN C 23 3.89 -7.46 -25.18
N LEU C 24 2.57 -7.62 -25.24
CA LEU C 24 1.80 -7.00 -26.31
C LEU C 24 1.84 -5.49 -26.21
N ILE C 25 1.40 -4.96 -25.06
CA ILE C 25 1.20 -3.53 -24.86
C ILE C 25 2.51 -2.82 -24.77
N GLN C 26 3.55 -3.53 -24.32
CA GLN C 26 4.86 -2.93 -24.12
C GLN C 26 5.30 -2.18 -25.35
N ASN C 27 6.06 -1.11 -25.11
CA ASN C 27 7.13 -0.75 -26.02
C ASN C 27 7.82 -2.08 -26.35
N HIS C 28 7.52 -2.63 -27.54
CA HIS C 28 8.03 -3.95 -27.89
C HIS C 28 9.53 -4.04 -27.64
N PHE C 29 10.26 -2.97 -27.96
CA PHE C 29 11.72 -3.01 -28.01
C PHE C 29 12.39 -2.33 -26.82
N VAL C 30 11.64 -1.94 -25.80
CA VAL C 30 12.23 -1.55 -24.52
C VAL C 30 11.52 -2.35 -23.45
N ASP C 31 12.29 -3.17 -22.72
CA ASP C 31 11.73 -4.04 -21.70
C ASP C 31 11.50 -3.20 -20.43
N GLU C 32 10.31 -2.62 -20.34
CA GLU C 32 9.95 -1.69 -19.27
C GLU C 32 8.43 -1.63 -19.18
N TYR C 33 7.91 -1.23 -18.02
CA TYR C 33 6.47 -1.24 -17.84
C TYR C 33 6.08 -0.47 -16.58
N ASP C 34 5.06 0.38 -16.68
CA ASP C 34 4.38 0.93 -15.53
C ASP C 34 2.90 0.63 -15.67
N PRO C 35 2.38 -0.38 -14.94
CA PRO C 35 0.97 -0.73 -15.07
C PRO C 35 0.04 0.30 -14.49
N THR C 36 0.55 1.24 -13.69
CA THR C 36 -0.33 2.21 -13.07
C THR C 36 -0.74 3.33 -14.03
N ILE C 37 0.01 3.55 -15.11
CA ILE C 37 -0.29 4.70 -15.95
C ILE C 37 -1.56 4.42 -16.73
N GLU C 38 -2.49 5.37 -16.67
CA GLU C 38 -3.73 5.31 -17.42
C GLU C 38 -3.50 4.84 -18.85
N ASP C 39 -4.22 3.79 -19.22
CA ASP C 39 -4.17 3.23 -20.57
C ASP C 39 -2.83 2.54 -20.84
N SER C 40 -2.35 1.77 -19.85
CA SER C 40 -1.29 0.80 -20.03
CA SER C 40 -1.29 0.80 -20.06
C SER C 40 -1.84 -0.55 -20.49
N TYR C 41 -3.11 -0.60 -20.87
CA TYR C 41 -3.83 -1.79 -21.26
C TYR C 41 -4.72 -1.48 -22.46
N ARG C 42 -4.44 -0.40 -23.17
CA ARG C 42 -5.11 -0.03 -24.40
C ARG C 42 -4.06 0.11 -25.50
N LYS C 43 -4.37 -0.44 -26.67
CA LYS C 43 -3.41 -0.44 -27.77
C LYS C 43 -4.18 -0.37 -29.08
N GLN C 44 -3.83 0.60 -29.92
CA GLN C 44 -4.36 0.70 -31.27
C GLN C 44 -3.53 -0.18 -32.19
N VAL C 45 -4.20 -1.06 -32.94
CA VAL C 45 -3.54 -2.03 -33.80
C VAL C 45 -4.26 -2.08 -35.14
N VAL C 46 -3.58 -2.63 -36.14
CA VAL C 46 -4.16 -2.87 -37.46
C VAL C 46 -4.18 -4.38 -37.68
N ILE C 47 -5.37 -4.93 -37.82
CA ILE C 47 -5.58 -6.38 -37.99
C ILE C 47 -6.29 -6.59 -39.31
N ASP C 48 -5.63 -7.29 -40.24
CA ASP C 48 -6.17 -7.55 -41.57
C ASP C 48 -6.57 -6.24 -42.25
N GLY C 49 -5.72 -5.22 -42.09
CA GLY C 49 -5.93 -3.93 -42.72
C GLY C 49 -6.95 -3.04 -42.06
N GLU C 50 -7.55 -3.45 -40.95
CA GLU C 50 -8.58 -2.66 -40.28
C GLU C 50 -8.08 -2.22 -38.92
N THR C 51 -8.01 -0.91 -38.70
CA THR C 51 -7.53 -0.36 -37.45
C THR C 51 -8.58 -0.50 -36.37
N CYS C 52 -8.14 -0.89 -35.17
CA CYS C 52 -9.05 -1.01 -34.04
C CYS C 52 -8.28 -0.74 -32.76
N LEU C 53 -9.03 -0.65 -31.66
CA LEU C 53 -8.49 -0.40 -30.33
C LEU C 53 -8.73 -1.62 -29.46
N LEU C 54 -7.67 -2.14 -28.86
CA LEU C 54 -7.80 -3.26 -27.93
C LEU C 54 -7.81 -2.71 -26.50
N ASP C 55 -8.83 -3.07 -25.74
CA ASP C 55 -8.86 -2.79 -24.32
C ASP C 55 -8.76 -4.12 -23.60
N ILE C 56 -7.64 -4.36 -22.91
CA ILE C 56 -7.35 -5.68 -22.36
C ILE C 56 -7.48 -5.63 -20.85
N LEU C 57 -8.31 -6.50 -20.30
CA LEU C 57 -8.42 -6.68 -18.85
C LEU C 57 -7.61 -7.91 -18.46
N ASP C 58 -6.57 -7.70 -17.64
CA ASP C 58 -5.77 -8.80 -17.09
C ASP C 58 -5.66 -8.53 -15.60
N THR C 59 -6.42 -9.29 -14.80
CA THR C 59 -6.43 -9.11 -13.35
C THR C 59 -5.41 -10.01 -12.67
N ALA C 60 -4.34 -10.38 -13.37
CA ALA C 60 -3.29 -11.20 -12.80
C ALA C 60 -2.92 -10.71 -11.40
N GLY C 61 -2.81 -11.66 -10.46
CA GLY C 61 -2.58 -11.35 -9.06
C GLY C 61 -3.81 -11.39 -8.20
N GLN C 62 -5.00 -11.30 -8.79
CA GLN C 62 -6.25 -11.29 -8.05
C GLN C 62 -6.95 -12.64 -8.06
N GLU C 63 -6.22 -13.71 -8.36
CA GLU C 63 -6.87 -15.01 -8.55
C GLU C 63 -7.60 -15.47 -7.29
N GLU C 64 -7.13 -15.07 -6.10
CA GLU C 64 -7.78 -15.53 -4.88
C GLU C 64 -9.14 -14.85 -4.66
N TYR C 65 -9.41 -13.73 -5.34
CA TYR C 65 -10.73 -13.09 -5.28
C TYR C 65 -11.67 -13.82 -6.25
N SER C 66 -11.98 -15.07 -5.90
CA SER C 66 -12.68 -15.94 -6.83
C SER C 66 -14.13 -15.51 -7.06
N ALA C 67 -14.74 -14.83 -6.09
CA ALA C 67 -16.12 -14.40 -6.28
C ALA C 67 -16.22 -13.14 -7.13
N MET C 68 -15.10 -12.52 -7.51
CA MET C 68 -15.13 -11.40 -8.44
C MET C 68 -15.00 -11.83 -9.90
N ARG C 69 -14.74 -13.12 -10.15
CA ARG C 69 -14.46 -13.54 -11.53
C ARG C 69 -15.63 -13.27 -12.45
N ASP C 70 -16.85 -13.55 -11.99
CA ASP C 70 -18.02 -13.33 -12.85
C ASP C 70 -18.10 -11.88 -13.30
N GLN C 71 -17.97 -10.94 -12.36
CA GLN C 71 -18.09 -9.53 -12.72
C GLN C 71 -17.00 -9.12 -13.71
N TYR C 72 -15.75 -9.52 -13.45
CA TYR C 72 -14.67 -9.21 -14.37
C TYR C 72 -14.93 -9.80 -15.75
N MET C 73 -15.35 -11.07 -15.80
CA MET C 73 -15.55 -11.74 -17.08
C MET C 73 -16.67 -11.10 -17.87
N ARG C 74 -17.72 -10.63 -17.20
CA ARG C 74 -18.85 -10.11 -17.97
C ARG C 74 -18.47 -8.89 -18.80
N THR C 75 -17.40 -8.18 -18.42
CA THR C 75 -16.99 -7.02 -19.21
C THR C 75 -16.48 -7.38 -20.60
N GLY C 76 -16.17 -8.65 -20.86
CA GLY C 76 -15.42 -9.01 -22.06
C GLY C 76 -16.29 -9.46 -23.24
N GLU C 77 -15.81 -9.13 -24.44
CA GLU C 77 -16.38 -9.69 -25.67
C GLU C 77 -15.64 -10.92 -26.15
N GLY C 78 -14.36 -11.04 -25.81
CA GLY C 78 -13.55 -12.19 -26.21
C GLY C 78 -12.58 -12.51 -25.11
N PHE C 79 -12.15 -13.77 -25.04
CA PHE C 79 -11.38 -14.25 -23.90
C PHE C 79 -10.15 -15.02 -24.35
N LEU C 80 -9.02 -14.75 -23.71
CA LEU C 80 -7.83 -15.58 -23.84
C LEU C 80 -7.76 -16.46 -22.61
N CYS C 81 -7.89 -17.77 -22.79
CA CYS C 81 -7.78 -18.72 -21.69
C CYS C 81 -6.36 -19.27 -21.69
N VAL C 82 -5.59 -18.90 -20.67
CA VAL C 82 -4.15 -19.09 -20.66
C VAL C 82 -3.78 -20.18 -19.66
N PHE C 83 -2.94 -21.12 -20.07
CA PHE C 83 -2.29 -22.04 -19.15
C PHE C 83 -0.79 -22.03 -19.42
N ALA C 84 -0.02 -22.54 -18.47
CA ALA C 84 1.42 -22.66 -18.61
C ALA C 84 1.78 -24.05 -19.09
N ILE C 85 2.66 -24.15 -20.09
CA ILE C 85 2.96 -25.45 -20.66
C ILE C 85 3.79 -26.33 -19.75
N ASN C 86 4.30 -25.79 -18.64
CA ASN C 86 4.98 -26.60 -17.65
C ASN C 86 4.17 -26.77 -16.37
N ASN C 87 2.85 -26.52 -16.43
CA ASN C 87 2.01 -26.67 -15.22
C ASN C 87 0.72 -27.37 -15.65
N THR C 88 0.66 -28.69 -15.41
N THR C 88 0.66 -28.68 -15.42
CA THR C 88 -0.48 -29.47 -15.86
CA THR C 88 -0.49 -29.46 -15.87
C THR C 88 -1.76 -29.02 -15.18
C THR C 88 -1.78 -29.04 -15.17
N LYS C 89 -1.68 -28.64 -13.90
CA LYS C 89 -2.88 -28.19 -13.20
C LYS C 89 -3.52 -26.97 -13.89
N SER C 90 -2.69 -26.02 -14.35
CA SER C 90 -3.24 -24.85 -15.04
C SER C 90 -3.95 -25.26 -16.33
N PHE C 91 -3.48 -26.33 -16.97
CA PHE C 91 -4.14 -26.83 -18.17
C PHE C 91 -5.45 -27.50 -17.81
N GLU C 92 -5.46 -28.28 -16.73
CA GLU C 92 -6.70 -28.93 -16.29
C GLU C 92 -7.74 -27.93 -15.83
N ASP C 93 -7.32 -26.75 -15.39
CA ASP C 93 -8.27 -25.69 -15.00
C ASP C 93 -9.04 -25.11 -16.18
N ILE C 94 -8.55 -25.31 -17.41
CA ILE C 94 -9.12 -24.58 -18.55
C ILE C 94 -10.60 -24.91 -18.72
N HIS C 95 -10.98 -26.18 -18.57
CA HIS C 95 -12.37 -26.57 -18.76
C HIS C 95 -13.30 -25.73 -17.89
N GLN C 96 -12.94 -25.56 -16.61
CA GLN C 96 -13.84 -24.82 -15.72
C GLN C 96 -13.87 -23.32 -16.05
N TYR C 97 -12.75 -22.75 -16.50
CA TYR C 97 -12.77 -21.36 -16.94
C TYR C 97 -13.72 -21.17 -18.12
N ARG C 98 -13.63 -22.07 -19.10
CA ARG C 98 -14.51 -21.97 -20.26
C ARG C 98 -15.97 -22.11 -19.87
N GLU C 99 -16.28 -23.07 -18.99
CA GLU C 99 -17.66 -23.23 -18.54
C GLU C 99 -18.14 -21.99 -17.83
N GLN C 100 -17.28 -21.36 -17.04
CA GLN C 100 -17.68 -20.15 -16.31
C GLN C 100 -17.91 -18.99 -17.26
N ILE C 101 -17.07 -18.85 -18.29
CA ILE C 101 -17.28 -17.81 -19.29
C ILE C 101 -18.63 -17.99 -19.99
N LYS C 102 -18.93 -19.22 -20.38
CA LYS C 102 -20.20 -19.48 -21.07
C LYS C 102 -21.38 -19.15 -20.18
N ARG C 103 -21.29 -19.46 -18.89
CA ARG C 103 -22.37 -19.12 -17.97
C ARG C 103 -22.49 -17.61 -17.80
N VAL C 104 -21.36 -16.93 -17.57
CA VAL C 104 -21.40 -15.48 -17.35
C VAL C 104 -21.94 -14.77 -18.59
N LYS C 105 -21.52 -15.19 -19.78
CA LYS C 105 -21.98 -14.54 -20.98
C LYS C 105 -23.32 -15.08 -21.46
N ASP C 106 -23.82 -16.15 -20.83
CA ASP C 106 -25.10 -16.78 -21.19
C ASP C 106 -25.12 -17.15 -22.67
N SER C 107 -24.05 -17.82 -23.12
CA SER C 107 -23.94 -18.21 -24.51
C SER C 107 -23.06 -19.44 -24.61
N ASP C 108 -23.42 -20.35 -25.51
CA ASP C 108 -22.59 -21.51 -25.76
C ASP C 108 -21.51 -21.25 -26.79
N ASP C 109 -21.46 -20.04 -27.36
CA ASP C 109 -20.53 -19.72 -28.44
C ASP C 109 -19.94 -18.34 -28.16
N VAL C 110 -18.98 -18.29 -27.25
CA VAL C 110 -18.31 -17.06 -26.85
C VAL C 110 -16.94 -17.02 -27.54
N PRO C 111 -16.55 -15.92 -28.18
CA PRO C 111 -15.22 -15.85 -28.81
C PRO C 111 -14.12 -16.08 -27.79
N MET C 112 -13.29 -17.07 -28.04
CA MET C 112 -12.18 -17.33 -27.13
C MET C 112 -11.08 -18.08 -27.86
N VAL C 113 -9.88 -18.00 -27.29
CA VAL C 113 -8.72 -18.71 -27.79
C VAL C 113 -8.04 -19.38 -26.61
N LEU C 114 -7.46 -20.54 -26.87
CA LEU C 114 -6.65 -21.25 -25.88
C LEU C 114 -5.19 -20.86 -26.10
N VAL C 115 -4.52 -20.45 -25.03
CA VAL C 115 -3.12 -20.01 -25.13
C VAL C 115 -2.27 -20.85 -24.20
N GLY C 116 -1.24 -21.49 -24.76
CA GLY C 116 -0.26 -22.21 -23.99
C GLY C 116 0.99 -21.35 -23.90
N ASN C 117 1.37 -21.00 -22.68
CA ASN C 117 2.39 -19.98 -22.43
C ASN C 117 3.64 -20.65 -21.86
N LYS C 118 4.79 -20.36 -22.48
N LYS C 118 4.79 -20.37 -22.48
CA LYS C 118 6.09 -20.87 -22.02
CA LYS C 118 6.07 -20.90 -21.99
C LYS C 118 6.71 -19.79 -21.14
C LYS C 118 6.70 -19.81 -21.14
N CYS C 119 6.63 -19.98 -19.83
CA CYS C 119 7.02 -18.93 -18.89
C CYS C 119 8.43 -19.10 -18.33
N ASP C 120 9.08 -20.23 -18.55
CA ASP C 120 10.47 -20.39 -18.15
C ASP C 120 11.06 -21.59 -18.90
N LEU C 121 12.23 -22.03 -18.47
CA LEU C 121 12.92 -23.14 -19.09
C LEU C 121 12.70 -24.46 -18.35
N ALA C 122 11.83 -24.47 -17.33
CA ALA C 122 11.43 -25.72 -16.71
C ALA C 122 10.77 -26.64 -17.74
N ALA C 123 10.79 -27.94 -17.46
CA ALA C 123 10.41 -28.92 -18.46
C ALA C 123 8.93 -28.81 -18.82
N ARG C 124 8.64 -28.82 -20.11
CA ARG C 124 7.26 -28.81 -20.56
C ARG C 124 6.55 -30.08 -20.07
N THR C 125 5.33 -29.93 -19.55
CA THR C 125 4.55 -31.08 -19.14
C THR C 125 3.25 -31.24 -19.92
N VAL C 126 2.83 -30.23 -20.67
CA VAL C 126 1.66 -30.32 -21.53
C VAL C 126 2.17 -30.27 -22.97
N GLU C 127 2.01 -31.36 -23.70
CA GLU C 127 2.46 -31.40 -25.08
C GLU C 127 1.48 -30.64 -25.97
N SER C 128 2.00 -30.12 -27.07
CA SER C 128 1.13 -29.31 -27.93
C SER C 128 -0.02 -30.14 -28.49
N ARG C 129 0.19 -31.44 -28.74
CA ARG C 129 -0.91 -32.27 -29.25
C ARG C 129 -2.06 -32.33 -28.24
N GLN C 130 -1.75 -32.43 -26.95
CA GLN C 130 -2.80 -32.44 -25.94
C GLN C 130 -3.62 -31.17 -25.99
N ALA C 131 -2.94 -30.03 -26.13
CA ALA C 131 -3.64 -28.75 -26.14
C ALA C 131 -4.40 -28.55 -27.45
N GLN C 132 -3.82 -28.99 -28.58
CA GLN C 132 -4.56 -28.91 -29.84
C GLN C 132 -5.83 -29.75 -29.78
N ASP C 133 -5.74 -30.96 -29.21
CA ASP C 133 -6.92 -31.79 -29.09
C ASP C 133 -7.99 -31.13 -28.22
N LEU C 134 -7.58 -30.53 -27.10
CA LEU C 134 -8.55 -29.84 -26.25
C LEU C 134 -9.21 -28.67 -27.00
N ALA C 135 -8.39 -27.86 -27.67
CA ALA C 135 -8.93 -26.72 -28.43
C ALA C 135 -9.89 -27.18 -29.52
N ARG C 136 -9.54 -28.26 -30.23
CA ARG C 136 -10.45 -28.75 -31.26
C ARG C 136 -11.76 -29.26 -30.66
N SER C 137 -11.69 -29.90 -29.50
CA SER C 137 -12.91 -30.38 -28.86
C SER C 137 -13.84 -29.23 -28.50
N TYR C 138 -13.29 -28.04 -28.25
CA TYR C 138 -14.06 -26.83 -27.97
C TYR C 138 -14.41 -26.04 -29.23
N GLY C 139 -13.78 -26.33 -30.36
CA GLY C 139 -14.00 -25.51 -31.54
C GLY C 139 -13.31 -24.16 -31.50
N ILE C 140 -12.16 -24.05 -30.85
CA ILE C 140 -11.48 -22.75 -30.72
C ILE C 140 -10.03 -22.90 -31.15
N PRO C 141 -9.39 -21.78 -31.52
CA PRO C 141 -7.97 -21.83 -31.89
C PRO C 141 -7.06 -22.07 -30.70
N TYR C 142 -5.88 -22.61 -31.00
CA TYR C 142 -4.81 -22.79 -30.01
C TYR C 142 -3.59 -22.02 -30.48
N ILE C 143 -3.01 -21.21 -29.60
CA ILE C 143 -1.80 -20.45 -29.89
C ILE C 143 -0.81 -20.71 -28.76
N GLU C 144 0.45 -20.96 -29.09
CA GLU C 144 1.49 -21.05 -28.07
C GLU C 144 2.34 -19.79 -28.09
N THR C 145 2.73 -19.34 -26.90
CA THR C 145 3.46 -18.08 -26.77
C THR C 145 4.66 -18.27 -25.86
N SER C 146 5.67 -17.43 -26.05
CA SER C 146 6.81 -17.38 -25.15
C SER C 146 6.70 -16.13 -24.29
N ALA C 147 6.92 -16.29 -22.98
CA ALA C 147 6.88 -15.16 -22.06
C ALA C 147 8.15 -14.33 -22.10
N LYS C 148 9.15 -14.74 -22.88
CA LYS C 148 10.42 -14.05 -22.90
C LYS C 148 10.82 -13.49 -24.26
N THR C 149 10.37 -14.10 -25.37
CA THR C 149 10.80 -13.68 -26.70
C THR C 149 9.72 -12.95 -27.46
N ARG C 150 8.53 -12.81 -26.90
CA ARG C 150 7.34 -12.23 -27.51
C ARG C 150 6.78 -13.10 -28.64
N GLN C 151 7.35 -14.27 -28.91
CA GLN C 151 6.80 -15.12 -29.96
C GLN C 151 5.36 -15.52 -29.62
N GLY C 152 4.49 -15.46 -30.64
CA GLY C 152 3.11 -15.88 -30.48
C GLY C 152 2.18 -14.86 -29.88
N VAL C 153 2.71 -13.79 -29.27
CA VAL C 153 1.88 -12.86 -28.51
C VAL C 153 0.90 -12.14 -29.42
N GLU C 154 1.40 -11.55 -30.51
N GLU C 154 1.42 -11.54 -30.50
CA GLU C 154 0.51 -10.88 -31.44
CA GLU C 154 0.53 -10.88 -31.46
C GLU C 154 -0.49 -11.86 -32.05
C GLU C 154 -0.49 -11.87 -32.02
N ASP C 155 -0.02 -13.07 -32.40
CA ASP C 155 -0.93 -14.08 -32.95
C ASP C 155 -2.06 -14.40 -31.98
N ALA C 156 -1.77 -14.48 -30.68
CA ALA C 156 -2.83 -14.81 -29.73
C ALA C 156 -3.92 -13.75 -29.73
N PHE C 157 -3.52 -12.47 -29.62
CA PHE C 157 -4.52 -11.40 -29.56
C PHE C 157 -5.20 -11.18 -30.90
N TYR C 158 -4.46 -11.20 -32.00
CA TYR C 158 -5.07 -10.99 -33.31
C TYR C 158 -6.03 -12.11 -33.67
N THR C 159 -5.65 -13.35 -33.36
CA THR C 159 -6.56 -14.47 -33.60
C THR C 159 -7.86 -14.29 -32.84
N LEU C 160 -7.79 -13.84 -31.59
CA LEU C 160 -9.02 -13.60 -30.83
C LEU C 160 -9.87 -12.52 -31.47
N VAL C 161 -9.26 -11.43 -31.93
CA VAL C 161 -10.05 -10.39 -32.59
C VAL C 161 -10.73 -10.94 -33.84
N ARG C 162 -10.03 -11.81 -34.58
CA ARG C 162 -10.66 -12.43 -35.75
C ARG C 162 -11.83 -13.32 -35.33
N GLU C 163 -11.71 -14.01 -34.19
CA GLU C 163 -12.84 -14.79 -33.69
C GLU C 163 -14.04 -13.90 -33.37
N ILE C 164 -13.79 -12.71 -32.82
CA ILE C 164 -14.88 -11.78 -32.53
C ILE C 164 -15.49 -11.29 -33.84
N ARG C 165 -14.65 -10.89 -34.80
CA ARG C 165 -15.15 -10.36 -36.06
C ARG C 165 -15.96 -11.38 -36.83
N GLN C 166 -15.62 -12.66 -36.71
CA GLN C 166 -16.28 -13.71 -37.47
C GLN C 166 -17.36 -14.43 -36.67
N HIS C 167 -17.73 -13.90 -35.52
CA HIS C 167 -18.73 -14.56 -34.68
C HIS C 167 -20.10 -14.53 -35.38
PG GNP D . 14.30 13.56 19.60
O1G GNP D . 15.52 12.97 20.29
O2G GNP D . 13.97 12.69 18.41
O3G GNP D . 14.60 15.00 19.13
N3B GNP D . 13.05 13.57 20.74
PB GNP D . 11.51 14.06 20.39
O1B GNP D . 11.41 15.56 20.33
O2B GNP D . 11.03 13.39 19.13
O3A GNP D . 10.63 13.59 21.66
PA GNP D . 9.80 12.24 21.77
O1A GNP D . 8.58 12.35 20.88
O2A GNP D . 10.73 11.09 21.56
O5' GNP D . 9.30 12.34 23.23
C5' GNP D . 10.21 12.43 24.35
C4' GNP D . 9.50 11.96 25.59
O4' GNP D . 8.48 12.91 25.95
C3' GNP D . 8.81 10.60 25.48
O3' GNP D . 8.94 9.87 26.70
C2' GNP D . 7.35 10.98 25.23
O2' GNP D . 6.44 10.00 25.71
C1' GNP D . 7.23 12.28 26.03
N9 GNP D . 6.21 13.18 25.49
C8 GNP D . 6.15 13.65 24.20
N7 GNP D . 5.13 14.44 23.99
C5 GNP D . 4.49 14.51 25.22
C6 GNP D . 3.30 15.21 25.63
O6 GNP D . 2.59 15.93 24.94
N1 GNP D . 3.00 15.00 26.96
C2 GNP D . 3.72 14.20 27.81
N2 GNP D . 3.30 14.11 29.07
N3 GNP D . 4.83 13.55 27.44
C4 GNP D . 5.14 13.74 26.15
MG MG E . 12.06 12.17 17.81
N1 QTV F . -27.39 -3.78 -12.18
N3 QTV F . -27.46 -5.90 -11.48
C4 QTV F . -26.36 -5.35 -10.87
C5 QTV F . -27.88 -7.28 -11.30
C6 QTV F . -28.93 -7.44 -10.22
C7 QTV F . -29.95 -8.35 -10.40
C8 QTV F . -30.92 -8.52 -9.43
C10 QTV F . -29.86 -6.86 -8.07
C1 QTV F . -29.28 -5.18 -13.06
C11 QTV F . -28.90 -6.71 -9.05
C2 QTV F . -28.05 -4.93 -12.26
C3 QTV F . -26.34 -4.06 -11.33
C9 QTV F . -30.84 -7.79 -8.29
F1 QTV F . -31.81 -7.97 -7.35
N2 QTV F . -25.41 -3.08 -10.98
O1 QTV F . -24.38 -3.44 -10.40
O2 QTV F . -25.68 -1.91 -11.23
C FMT G . 32.15 17.97 0.72
O1 FMT G . 33.08 17.25 0.35
O2 FMT G . 31.01 17.56 0.97
C FMT H . -31.86 -4.83 24.64
O1 FMT H . -32.66 -5.65 24.20
O2 FMT H . -31.56 -3.78 24.07
C FMT I . 19.77 12.41 9.12
O1 FMT I . 19.88 11.51 8.29
O2 FMT I . 20.15 13.57 8.94
C FMT J . 29.46 9.58 0.52
O1 FMT J . 28.94 9.47 1.62
O2 FMT J . 29.75 10.69 0.03
C FMT K . -42.84 -18.22 8.55
O1 FMT K . -42.14 -19.19 8.26
O2 FMT K . -43.16 -17.34 7.74
C1 GOL L . -9.16 0.63 14.93
O1 GOL L . -8.17 0.53 15.92
C2 GOL L . -9.01 -0.65 14.10
O2 GOL L . -9.37 -1.77 14.86
C3 GOL L . -9.92 -0.46 12.84
O3 GOL L . -9.53 0.70 12.15
C1 GOL M . -22.18 4.50 10.31
O1 GOL M . -21.41 4.66 11.44
C2 GOL M . -23.30 5.57 10.34
O2 GOL M . -22.82 6.78 10.83
C3 GOL M . -23.73 5.72 8.88
O3 GOL M . -25.06 5.31 8.80
C FMT N . 0.90 -14.25 -13.35
O1 FMT N . 1.48 -13.42 -14.04
O2 FMT N . -0.30 -14.30 -13.07
NA NA O . 3.06 -29.87 -14.20
#